data_4LFY
#
_entry.id   4LFY
#
_cell.length_a   53.480
_cell.length_b   89.870
_cell.length_c   153.390
_cell.angle_alpha   90.00
_cell.angle_beta   90.00
_cell.angle_gamma   90.00
#
_symmetry.space_group_name_H-M   'P 21 21 21'
#
loop_
_entity.id
_entity.type
_entity.pdbx_description
1 polymer Dihydroorotase
2 non-polymer 'ZINC ION'
3 non-polymer 1,2-ETHANEDIOL
4 non-polymer 'CALCIUM ION'
5 water water
#
_entity_poly.entity_id   1
_entity_poly.type   'polypeptide(L)'
_entity_poly.pdbx_seq_one_letter_code
;MAHHHHHHMARPFLTTPPMTASNASSPATLSLARPDDWHLHLRDGDMLAAVLPHTARQFGRAIVMPNLKPPVTTTAQAQA
YRERILAALPAGMTFEPLMTLYLTDNTPPDEIRRARESGFVHGV(KCX)LYPAGATTNSDHGVTDLAKCAKTLEAMQETG
MPLLVHGEVTDASIDLFDREKVFIDRVMTPLRRDFPGLKVVFEHITTKDAADYVRDADAAPGLLGATITAHHLLYNRNAL
FVGGIRPHYYCLPVLKRETHRVALVEAATSGNPRFFLGTDSAPHARDAKETACGCAGCYTALHALELYAEAFDTAGALDK
LEGFASFFGADFYGLPRSAETVTLRREPWELPREIFAGETPVVPLRGGETIGWKLA
;
_entity_poly.pdbx_strand_id   A,B
#
loop_
_chem_comp.id
_chem_comp.type
_chem_comp.name
_chem_comp.formula
CA non-polymer 'CALCIUM ION' 'Ca 2'
EDO non-polymer 1,2-ETHANEDIOL 'C2 H6 O2'
ZN non-polymer 'ZINC ION' 'Zn 2'
#
# COMPACT_ATOMS: atom_id res chain seq x y z
N PRO A 17 -14.54 37.37 -7.86
CA PRO A 17 -13.10 37.17 -8.20
C PRO A 17 -12.87 36.70 -9.68
N PRO A 18 -12.24 37.53 -10.57
CA PRO A 18 -12.23 37.10 -12.00
C PRO A 18 -11.61 35.73 -12.26
N MET A 19 -12.30 34.85 -12.97
CA MET A 19 -11.73 33.53 -13.25
C MET A 19 -10.64 33.75 -14.28
N THR A 20 -9.64 32.90 -14.25
CA THR A 20 -8.70 32.85 -15.34
C THR A 20 -9.49 32.32 -16.56
N ALA A 21 -9.04 32.65 -17.77
CA ALA A 21 -9.77 32.29 -18.97
C ALA A 21 -10.01 30.78 -19.03
N SER A 22 -8.97 29.98 -18.84
CA SER A 22 -9.14 28.52 -18.78
C SER A 22 -10.19 28.05 -17.72
N ASN A 23 -10.25 28.73 -16.57
CA ASN A 23 -11.35 28.53 -15.61
C ASN A 23 -12.66 29.02 -16.22
N SER A 26 -16.26 26.30 -17.83
CA SER A 26 -17.39 25.73 -17.11
C SER A 26 -17.68 26.50 -15.82
N PRO A 27 -18.91 26.34 -15.30
CA PRO A 27 -19.83 26.88 -14.28
C PRO A 27 -19.22 27.38 -12.95
N ALA A 28 -19.75 28.51 -12.44
CA ALA A 28 -19.43 29.02 -11.08
C ALA A 28 -20.24 28.38 -9.95
N THR A 29 -21.45 27.94 -10.27
CA THR A 29 -22.23 27.17 -9.34
C THR A 29 -22.77 25.95 -10.04
N LEU A 30 -23.35 25.06 -9.25
CA LEU A 30 -24.12 23.96 -9.78
C LEU A 30 -25.27 23.75 -8.81
N SER A 31 -26.50 23.80 -9.30
CA SER A 31 -27.66 23.46 -8.49
C SER A 31 -28.17 22.10 -8.93
N LEU A 32 -28.68 21.31 -8.00
CA LEU A 32 -29.19 19.99 -8.30
C LEU A 32 -30.21 19.59 -7.26
N ALA A 33 -31.07 18.67 -7.62
CA ALA A 33 -31.94 18.09 -6.62
C ALA A 33 -31.14 17.50 -5.45
N ARG A 34 -31.68 17.60 -4.25
CA ARG A 34 -30.97 17.19 -3.07
C ARG A 34 -30.57 15.70 -3.23
N PRO A 35 -29.27 15.41 -3.18
CA PRO A 35 -28.79 14.05 -3.48
C PRO A 35 -28.91 13.11 -2.25
N ASP A 36 -28.52 11.86 -2.45
CA ASP A 36 -28.53 10.79 -1.45
C ASP A 36 -27.22 10.02 -1.48
N ASP A 37 -26.87 9.38 -0.34
CA ASP A 37 -25.61 8.61 -0.22
C ASP A 37 -25.94 7.13 -0.14
N TRP A 38 -25.78 6.41 -1.23
CA TRP A 38 -26.25 4.99 -1.26
C TRP A 38 -25.21 4.01 -0.66
N HIS A 39 -24.20 4.49 0.06
CA HIS A 39 -23.32 3.56 0.78
C HIS A 39 -22.56 4.28 1.88
N LEU A 40 -23.03 4.20 3.11
CA LEU A 40 -22.48 4.99 4.20
C LEU A 40 -22.26 4.19 5.47
N HIS A 41 -21.14 4.48 6.13
CA HIS A 41 -20.86 4.01 7.50
C HIS A 41 -21.02 5.13 8.51
N LEU A 42 -22.07 5.05 9.33
CA LEU A 42 -22.33 6.04 10.38
C LEU A 42 -21.72 5.68 11.72
N ARG A 43 -21.26 4.44 11.87
CA ARG A 43 -20.73 3.94 13.18
C ARG A 43 -21.79 4.10 14.30
N ASP A 44 -21.35 4.33 15.53
CA ASP A 44 -22.30 4.29 16.66
C ASP A 44 -21.77 5.24 17.75
N GLY A 45 -22.57 5.44 18.80
CA GLY A 45 -22.16 6.25 19.95
C GLY A 45 -21.61 7.62 19.60
N ASP A 46 -20.46 7.96 20.21
CA ASP A 46 -19.91 9.28 20.03
C ASP A 46 -19.53 9.56 18.57
N MET A 47 -19.02 8.55 17.88
CA MET A 47 -18.61 8.73 16.48
C MET A 47 -19.82 9.05 15.61
N LEU A 48 -20.88 8.27 15.79
CA LEU A 48 -22.17 8.56 15.14
C LEU A 48 -22.61 10.00 15.38
N ALA A 49 -22.51 10.45 16.62
CA ALA A 49 -22.96 11.82 16.95
C ALA A 49 -22.18 12.87 16.19
N ALA A 50 -20.91 12.58 15.93
CA ALA A 50 -20.02 13.54 15.28
C ALA A 50 -20.14 13.56 13.76
N VAL A 51 -20.32 12.39 13.15
CA VAL A 51 -20.29 12.31 11.68
C VAL A 51 -21.66 12.38 11.03
N LEU A 52 -22.72 12.04 11.77
CA LEU A 52 -24.07 12.13 11.18
C LEU A 52 -24.44 13.53 10.65
N PRO A 53 -24.12 14.59 11.42
CA PRO A 53 -24.42 15.91 10.91
C PRO A 53 -23.69 16.26 9.61
N HIS A 54 -22.51 15.68 9.40
CA HIS A 54 -21.79 15.91 8.16
C HIS A 54 -22.56 15.33 6.94
N THR A 55 -23.02 14.10 7.08
CA THR A 55 -23.89 13.50 6.06
C THR A 55 -25.22 14.25 5.89
N ALA A 56 -25.86 14.54 7.01
CA ALA A 56 -27.21 15.09 6.97
C ALA A 56 -27.28 16.49 6.34
N ARG A 57 -26.19 17.24 6.38
CA ARG A 57 -26.12 18.52 5.66
C ARG A 57 -26.16 18.37 4.15
N GLN A 58 -25.63 17.25 3.66
CA GLN A 58 -25.41 17.06 2.24
C GLN A 58 -26.48 16.22 1.59
N PHE A 59 -26.97 15.21 2.32
CA PHE A 59 -27.80 14.18 1.73
C PHE A 59 -29.11 13.97 2.46
N GLY A 60 -30.19 13.79 1.71
CA GLY A 60 -31.54 13.57 2.28
C GLY A 60 -31.76 12.19 2.89
N ARG A 61 -31.15 11.18 2.27
CA ARG A 61 -31.22 9.79 2.65
C ARG A 61 -29.84 9.16 2.50
N ALA A 62 -29.59 8.12 3.29
CA ALA A 62 -28.44 7.27 3.04
C ALA A 62 -28.72 5.82 3.36
N ILE A 63 -28.07 4.93 2.61
CA ILE A 63 -27.99 3.52 2.96
C ILE A 63 -26.96 3.38 4.08
N VAL A 64 -27.43 3.00 5.26
CA VAL A 64 -26.64 2.91 6.44
C VAL A 64 -26.16 1.46 6.60
N MET A 65 -24.86 1.27 6.44
CA MET A 65 -24.30 -0.09 6.42
C MET A 65 -24.33 -0.73 7.83
N PRO A 66 -24.33 -2.07 7.88
CA PRO A 66 -24.65 -2.76 9.13
C PRO A 66 -23.47 -3.33 9.92
N ASN A 67 -22.26 -2.97 9.52
CA ASN A 67 -21.04 -3.53 10.11
C ASN A 67 -20.60 -2.85 11.42
N LEU A 68 -21.53 -2.75 12.35
CA LEU A 68 -21.26 -2.47 13.76
C LEU A 68 -20.59 -3.70 14.38
N LYS A 69 -20.11 -3.52 15.59
CA LYS A 69 -19.49 -4.57 16.37
C LYS A 69 -20.29 -4.71 17.65
N PRO A 70 -21.17 -5.74 17.78
CA PRO A 70 -21.45 -6.81 16.84
C PRO A 70 -22.34 -6.27 15.70
N PRO A 71 -22.39 -6.98 14.58
CA PRO A 71 -23.15 -6.50 13.41
C PRO A 71 -24.66 -6.49 13.59
N VAL A 72 -25.30 -5.66 12.77
CA VAL A 72 -26.75 -5.55 12.71
C VAL A 72 -27.28 -6.69 11.82
N THR A 73 -27.70 -7.78 12.43
CA THR A 73 -28.07 -9.00 11.62
C THR A 73 -29.57 -9.22 11.63
N THR A 74 -30.26 -8.52 12.52
CA THR A 74 -31.72 -8.64 12.63
C THR A 74 -32.47 -7.33 12.44
N THR A 75 -33.74 -7.47 12.10
CA THR A 75 -34.61 -6.34 11.89
C THR A 75 -34.82 -5.56 13.18
N ALA A 76 -34.89 -6.25 14.31
CA ALA A 76 -35.03 -5.51 15.59
C ALA A 76 -33.76 -4.71 15.92
N GLN A 77 -32.61 -5.27 15.59
CA GLN A 77 -31.34 -4.57 15.77
C GLN A 77 -31.30 -3.34 14.91
N ALA A 78 -31.77 -3.47 13.67
CA ALA A 78 -31.82 -2.33 12.74
C ALA A 78 -32.77 -1.26 13.26
N GLN A 79 -33.86 -1.71 13.87
CA GLN A 79 -34.85 -0.76 14.39
C GLN A 79 -34.22 0.06 15.48
N ALA A 80 -33.47 -0.61 16.35
CA ALA A 80 -32.82 0.08 17.49
C ALA A 80 -31.72 1.02 17.02
N TYR A 81 -30.89 0.54 16.07
CA TYR A 81 -29.91 1.40 15.45
C TYR A 81 -30.53 2.66 14.80
N ARG A 82 -31.64 2.49 14.06
CA ARG A 82 -32.39 3.62 13.44
C ARG A 82 -32.78 4.64 14.48
N GLU A 83 -33.24 4.16 15.64
CA GLU A 83 -33.64 5.12 16.71
C GLU A 83 -32.43 5.88 17.24
N ARG A 84 -31.29 5.20 17.38
CA ARG A 84 -30.08 5.88 17.85
C ARG A 84 -29.65 6.97 16.85
N ILE A 85 -29.78 6.66 15.55
CA ILE A 85 -29.41 7.64 14.53
C ILE A 85 -30.35 8.85 14.59
N LEU A 86 -31.63 8.59 14.71
CA LEU A 86 -32.60 9.70 14.73
C LEU A 86 -32.40 10.52 16.00
N ALA A 87 -31.98 9.89 17.10
CA ALA A 87 -31.68 10.60 18.36
C ALA A 87 -30.46 11.51 18.20
N ALA A 88 -29.54 11.19 17.30
CA ALA A 88 -28.35 11.98 17.11
C ALA A 88 -28.47 13.06 16.03
N LEU A 89 -29.61 13.10 15.34
CA LEU A 89 -29.84 14.04 14.25
C LEU A 89 -30.15 15.39 14.85
N PRO A 90 -29.30 16.38 14.56
CA PRO A 90 -29.55 17.71 15.16
C PRO A 90 -30.87 18.32 14.71
N ALA A 91 -31.56 19.10 15.57
N ALA A 91 -31.39 19.13 15.64
CA ALA A 91 -32.99 19.41 15.34
CA ALA A 91 -32.48 20.04 15.40
C ALA A 91 -33.41 20.09 13.99
C ALA A 91 -32.26 20.84 14.14
N GLY A 92 -32.56 20.94 13.42
N GLY A 92 -33.24 20.75 13.23
CA GLY A 92 -32.89 21.63 12.17
CA GLY A 92 -33.25 21.54 12.02
C GLY A 92 -32.78 20.81 10.88
C GLY A 92 -32.55 20.91 10.83
N MET A 93 -32.17 19.63 10.97
CA MET A 93 -31.77 18.86 9.82
C MET A 93 -32.79 17.78 9.47
N THR A 94 -32.88 17.43 8.19
N THR A 94 -32.79 17.38 8.20
CA THR A 94 -33.82 16.44 7.74
CA THR A 94 -33.80 16.48 7.64
C THR A 94 -32.94 15.36 7.07
C THR A 94 -33.12 15.32 6.90
N PHE A 95 -33.14 14.14 7.49
CA PHE A 95 -32.34 13.00 7.02
C PHE A 95 -33.05 11.72 7.36
N GLU A 96 -33.16 10.81 6.42
N GLU A 96 -33.16 10.80 6.39
CA GLU A 96 -33.75 9.54 6.70
CA GLU A 96 -33.84 9.48 6.49
C GLU A 96 -32.72 8.45 6.47
C GLU A 96 -32.79 8.35 6.40
N PRO A 97 -32.44 7.67 7.52
CA PRO A 97 -31.56 6.53 7.42
C PRO A 97 -32.30 5.31 6.85
N LEU A 98 -31.75 4.79 5.75
CA LEU A 98 -32.28 3.62 5.12
C LEU A 98 -31.46 2.42 5.63
N MET A 99 -32.08 1.56 6.43
CA MET A 99 -31.29 0.60 7.15
C MET A 99 -30.95 -0.62 6.29
N THR A 100 -29.94 -1.37 6.76
CA THR A 100 -29.54 -2.62 6.14
C THR A 100 -29.30 -3.71 7.19
N LEU A 101 -29.42 -4.97 6.76
CA LEU A 101 -28.87 -6.11 7.54
C LEU A 101 -27.59 -6.64 7.00
N TYR A 102 -26.75 -7.16 7.91
CA TYR A 102 -25.49 -7.88 7.61
C TYR A 102 -25.86 -9.32 7.33
N LEU A 103 -25.75 -9.77 6.08
CA LEU A 103 -26.02 -11.16 5.77
C LEU A 103 -25.02 -12.11 6.48
N THR A 104 -25.56 -13.20 7.02
CA THR A 104 -24.74 -14.25 7.60
C THR A 104 -25.18 -15.61 7.09
N ASP A 105 -24.33 -16.64 7.27
CA ASP A 105 -24.71 -18.00 6.95
C ASP A 105 -26.06 -18.40 7.54
N ASN A 106 -26.36 -17.91 8.73
CA ASN A 106 -27.60 -18.26 9.50
C ASN A 106 -28.78 -17.30 9.39
N THR A 107 -28.65 -16.24 8.57
CA THR A 107 -29.79 -15.39 8.36
C THR A 107 -30.92 -16.20 7.72
N PRO A 108 -32.07 -16.25 8.39
CA PRO A 108 -33.20 -17.02 7.84
C PRO A 108 -34.11 -16.25 6.91
N PRO A 109 -34.89 -16.93 6.04
CA PRO A 109 -35.85 -16.22 5.19
C PRO A 109 -36.84 -15.36 5.96
N ASP A 110 -37.14 -15.80 7.18
CA ASP A 110 -38.07 -15.06 8.03
C ASP A 110 -37.60 -13.64 8.32
N GLU A 111 -36.27 -13.46 8.47
CA GLU A 111 -35.70 -12.13 8.67
C GLU A 111 -35.90 -11.25 7.44
N ILE A 112 -35.81 -11.85 6.25
CA ILE A 112 -36.00 -11.10 5.01
C ILE A 112 -37.39 -10.52 4.91
N ARG A 113 -38.40 -11.35 5.22
CA ARG A 113 -39.76 -10.93 5.19
C ARG A 113 -40.07 -9.86 6.24
N ARG A 114 -39.60 -10.06 7.47
CA ARG A 114 -39.83 -9.01 8.47
C ARG A 114 -39.06 -7.74 8.16
N ALA A 115 -37.91 -7.86 7.51
CA ALA A 115 -37.18 -6.62 7.09
C ALA A 115 -37.95 -5.86 6.02
N ARG A 116 -38.49 -6.58 5.04
CA ARG A 116 -39.23 -5.97 3.96
C ARG A 116 -40.47 -5.29 4.51
N GLU A 117 -41.12 -5.97 5.45
CA GLU A 117 -42.35 -5.46 6.01
C GLU A 117 -42.17 -4.35 6.99
N SER A 118 -40.98 -4.18 7.57
CA SER A 118 -40.71 -3.14 8.53
C SER A 118 -40.85 -1.75 7.95
N GLY A 119 -40.60 -1.63 6.65
CA GLY A 119 -40.61 -0.32 6.04
C GLY A 119 -39.30 0.44 6.11
N PHE A 120 -38.34 0.02 6.93
CA PHE A 120 -37.11 0.82 7.09
C PHE A 120 -35.83 0.08 6.73
N VAL A 121 -35.95 -1.14 6.23
CA VAL A 121 -34.79 -1.92 5.81
C VAL A 121 -34.80 -1.99 4.30
N HIS A 122 -33.78 -1.39 3.66
CA HIS A 122 -33.78 -1.27 2.22
C HIS A 122 -32.78 -2.14 1.46
N GLY A 123 -31.96 -2.89 2.18
CA GLY A 123 -31.02 -3.83 1.58
C GLY A 123 -30.40 -4.76 2.59
N VAL A 124 -29.80 -5.81 2.07
CA VAL A 124 -29.04 -6.77 2.84
C VAL A 124 -27.64 -6.81 2.26
N KCX A 125 -26.64 -6.60 3.09
CA KCX A 125 -25.25 -6.50 2.65
CB KCX A 125 -24.57 -5.51 3.57
CG KCX A 125 -23.11 -5.26 3.30
CD KCX A 125 -22.92 -4.58 1.90
CE KCX A 125 -21.52 -4.11 1.62
NZ KCX A 125 -21.10 -3.11 2.61
C KCX A 125 -24.48 -7.80 2.80
O KCX A 125 -24.45 -8.39 3.90
CX KCX A 125 -19.88 -2.58 2.55
OQ1 KCX A 125 -19.46 -1.75 3.40
OQ2 KCX A 125 -19.05 -2.97 1.52
N LEU A 126 -23.80 -8.16 1.73
CA LEU A 126 -22.89 -9.32 1.71
C LEU A 126 -21.43 -8.83 1.77
N TYR A 127 -20.75 -9.22 2.85
CA TYR A 127 -19.32 -8.94 2.98
C TYR A 127 -18.48 -10.21 2.79
N PRO A 128 -17.29 -10.11 2.20
CA PRO A 128 -16.42 -11.30 2.23
C PRO A 128 -16.18 -11.78 3.66
N ALA A 129 -16.08 -13.06 3.91
CA ALA A 129 -15.58 -13.53 5.20
C ALA A 129 -14.05 -13.53 5.19
N SER A 135 -20.53 -17.77 11.86
CA SER A 135 -21.77 -18.05 11.13
C SER A 135 -22.95 -17.19 11.61
N ASP A 136 -22.83 -16.65 12.83
CA ASP A 136 -23.80 -15.67 13.32
C ASP A 136 -23.36 -14.24 13.00
N HIS A 137 -22.11 -14.05 12.55
CA HIS A 137 -21.56 -12.69 12.27
C HIS A 137 -21.11 -12.47 10.79
N GLY A 138 -21.22 -13.48 9.92
CA GLY A 138 -20.88 -13.35 8.48
C GLY A 138 -21.12 -14.59 7.61
N VAL A 139 -20.79 -14.47 6.30
CA VAL A 139 -21.05 -15.49 5.26
C VAL A 139 -19.75 -16.20 4.95
N THR A 140 -19.67 -17.49 5.29
CA THR A 140 -18.51 -18.33 5.00
C THR A 140 -18.64 -18.97 3.63
N ASP A 141 -19.87 -19.25 3.21
CA ASP A 141 -20.13 -19.84 1.89
C ASP A 141 -21.51 -19.41 1.47
N LEU A 142 -21.59 -18.75 0.33
CA LEU A 142 -22.82 -18.08 -0.11
C LEU A 142 -23.85 -19.14 -0.44
N ALA A 143 -23.36 -20.36 -0.74
CA ALA A 143 -24.23 -21.50 -0.91
C ALA A 143 -25.08 -21.78 0.35
N LYS A 144 -24.55 -21.46 1.53
CA LYS A 144 -25.33 -21.55 2.77
C LYS A 144 -26.61 -20.70 2.79
N CYS A 145 -26.67 -19.68 1.92
CA CYS A 145 -27.75 -18.67 2.01
C CYS A 145 -28.85 -18.81 0.96
N ALA A 146 -28.86 -19.93 0.25
CA ALA A 146 -29.79 -20.15 -0.85
C ALA A 146 -31.24 -19.81 -0.57
N LYS A 147 -31.83 -20.35 0.51
CA LYS A 147 -33.26 -20.11 0.81
C LYS A 147 -33.48 -18.63 1.11
N THR A 148 -32.49 -18.01 1.75
CA THR A 148 -32.61 -16.60 2.10
C THR A 148 -32.48 -15.69 0.86
N LEU A 149 -31.59 -16.06 -0.05
CA LEU A 149 -31.50 -15.37 -1.35
C LEU A 149 -32.80 -15.53 -2.16
N GLU A 150 -33.40 -16.72 -2.09
CA GLU A 150 -34.69 -16.95 -2.69
C GLU A 150 -35.75 -15.99 -2.15
N ALA A 151 -35.78 -15.85 -0.83
CA ALA A 151 -36.71 -14.91 -0.21
C ALA A 151 -36.45 -13.48 -0.63
N MET A 152 -35.18 -13.10 -0.72
CA MET A 152 -34.84 -11.75 -1.22
C MET A 152 -35.38 -11.54 -2.62
N GLN A 153 -35.15 -12.51 -3.50
CA GLN A 153 -35.66 -12.44 -4.86
C GLN A 153 -37.19 -12.32 -4.86
N GLU A 154 -37.85 -13.13 -4.03
CA GLU A 154 -39.32 -13.13 -3.94
C GLU A 154 -39.86 -11.79 -3.48
N THR A 155 -39.18 -11.17 -2.49
CA THR A 155 -39.67 -9.99 -1.84
C THR A 155 -39.21 -8.67 -2.48
N GLY A 156 -38.18 -8.71 -3.34
CA GLY A 156 -37.59 -7.49 -3.95
C GLY A 156 -36.56 -6.77 -3.04
N MET A 157 -36.03 -7.48 -2.06
CA MET A 157 -35.00 -6.95 -1.15
C MET A 157 -33.66 -7.05 -1.92
N PRO A 158 -33.00 -5.92 -2.20
CA PRO A 158 -31.73 -6.01 -2.93
C PRO A 158 -30.58 -6.57 -2.10
N LEU A 159 -29.66 -7.24 -2.77
CA LEU A 159 -28.43 -7.68 -2.17
C LEU A 159 -27.34 -6.66 -2.53
N LEU A 160 -26.70 -6.10 -1.51
CA LEU A 160 -25.62 -5.11 -1.71
C LEU A 160 -24.34 -5.89 -1.49
N VAL A 161 -23.46 -5.91 -2.50
CA VAL A 161 -22.29 -6.78 -2.50
C VAL A 161 -20.96 -6.03 -2.43
N HIS A 162 -20.14 -6.40 -1.44
CA HIS A 162 -18.74 -6.00 -1.41
C HIS A 162 -18.04 -7.10 -2.17
N GLY A 163 -17.75 -6.82 -3.45
CA GLY A 163 -17.39 -7.86 -4.40
C GLY A 163 -15.87 -8.04 -4.45
N GLU A 164 -15.33 -8.64 -3.41
CA GLU A 164 -13.93 -9.17 -3.43
C GLU A 164 -13.85 -10.58 -2.89
N VAL A 165 -13.06 -11.43 -3.51
CA VAL A 165 -12.65 -12.69 -2.87
C VAL A 165 -11.60 -12.37 -1.78
N THR A 166 -11.48 -13.28 -0.80
CA THR A 166 -10.50 -13.16 0.28
C THR A 166 -9.30 -14.07 0.09
N ASP A 167 -9.40 -14.96 -0.88
CA ASP A 167 -8.35 -15.91 -1.24
C ASP A 167 -6.93 -15.29 -1.18
N ALA A 168 -6.12 -15.76 -0.23
CA ALA A 168 -4.77 -15.21 -0.05
C ALA A 168 -3.79 -15.46 -1.17
N SER A 169 -4.09 -16.38 -2.08
CA SER A 169 -3.27 -16.64 -3.26
C SER A 169 -3.56 -15.69 -4.43
N ILE A 170 -4.55 -14.82 -4.25
CA ILE A 170 -4.94 -13.86 -5.26
C ILE A 170 -4.38 -12.49 -4.85
N ASP A 171 -3.69 -11.86 -5.78
CA ASP A 171 -3.16 -10.56 -5.53
C ASP A 171 -4.29 -9.60 -5.17
N LEU A 172 -4.08 -8.77 -4.15
CA LEU A 172 -5.10 -7.84 -3.67
C LEU A 172 -5.77 -7.04 -4.78
N PHE A 173 -5.00 -6.63 -5.78
CA PHE A 173 -5.52 -5.79 -6.83
C PHE A 173 -6.38 -6.52 -7.83
N ASP A 174 -6.34 -7.87 -7.79
CA ASP A 174 -7.09 -8.73 -8.67
C ASP A 174 -8.38 -9.28 -8.01
N ARG A 175 -8.63 -8.97 -6.73
CA ARG A 175 -9.65 -9.68 -5.97
C ARG A 175 -11.07 -9.28 -6.44
N GLU A 176 -11.21 -8.08 -6.98
CA GLU A 176 -12.54 -7.62 -7.46
C GLU A 176 -12.84 -8.32 -8.80
N LYS A 177 -11.87 -8.35 -9.70
CA LYS A 177 -12.04 -9.02 -10.98
C LYS A 177 -12.35 -10.51 -10.76
N VAL A 178 -11.64 -11.16 -9.83
CA VAL A 178 -11.88 -12.56 -9.58
C VAL A 178 -13.27 -12.83 -8.98
N PHE A 179 -13.76 -11.94 -8.12
CA PHE A 179 -15.10 -12.06 -7.58
C PHE A 179 -16.17 -12.06 -8.66
N ILE A 180 -15.98 -11.23 -9.69
CA ILE A 180 -16.94 -11.16 -10.87
C ILE A 180 -17.15 -12.56 -11.44
N ASP A 181 -16.05 -13.26 -11.67
CA ASP A 181 -16.08 -14.58 -12.29
C ASP A 181 -16.49 -15.66 -11.34
N ARG A 182 -15.95 -15.63 -10.13
CA ARG A 182 -16.23 -16.67 -9.16
C ARG A 182 -17.58 -16.63 -8.47
N VAL A 183 -18.05 -15.43 -8.18
CA VAL A 183 -19.24 -15.24 -7.32
C VAL A 183 -20.36 -14.46 -8.01
N MET A 184 -20.03 -13.31 -8.60
CA MET A 184 -21.10 -12.48 -9.16
C MET A 184 -21.83 -13.15 -10.32
N THR A 185 -21.10 -13.76 -11.22
CA THR A 185 -21.73 -14.38 -12.37
C THR A 185 -22.67 -15.57 -11.94
N PRO A 186 -22.20 -16.49 -11.11
CA PRO A 186 -23.08 -17.58 -10.64
C PRO A 186 -24.26 -17.09 -9.84
N LEU A 187 -24.02 -16.06 -9.01
CA LEU A 187 -25.11 -15.51 -8.23
C LEU A 187 -26.28 -15.00 -9.12
N ARG A 188 -25.96 -14.21 -10.15
CA ARG A 188 -26.96 -13.61 -10.99
C ARG A 188 -27.61 -14.67 -11.91
N ARG A 189 -26.86 -15.71 -12.25
CA ARG A 189 -27.38 -16.84 -12.96
C ARG A 189 -28.38 -17.61 -12.08
N ASP A 190 -27.99 -17.89 -10.84
CA ASP A 190 -28.81 -18.74 -9.97
C ASP A 190 -30.04 -18.02 -9.42
N PHE A 191 -29.94 -16.70 -9.30
CA PHE A 191 -31.02 -15.82 -8.84
C PHE A 191 -31.26 -14.66 -9.80
N PRO A 192 -31.83 -14.97 -10.99
CA PRO A 192 -31.95 -13.99 -12.05
C PRO A 192 -32.99 -12.89 -11.80
N GLY A 193 -33.81 -12.99 -10.77
CA GLY A 193 -34.73 -11.93 -10.40
C GLY A 193 -34.30 -11.10 -9.20
N LEU A 194 -33.15 -11.43 -8.63
CA LEU A 194 -32.59 -10.76 -7.44
C LEU A 194 -32.00 -9.42 -7.86
N LYS A 195 -32.33 -8.36 -7.13
CA LYS A 195 -31.76 -7.05 -7.39
C LYS A 195 -30.41 -6.99 -6.73
N VAL A 196 -29.38 -6.57 -7.45
CA VAL A 196 -28.00 -6.58 -6.91
C VAL A 196 -27.36 -5.23 -7.07
N VAL A 197 -26.71 -4.72 -6.01
CA VAL A 197 -25.88 -3.53 -6.17
C VAL A 197 -24.39 -3.95 -6.02
N PHE A 198 -23.56 -3.73 -7.04
CA PHE A 198 -22.12 -3.98 -6.95
C PHE A 198 -21.53 -2.74 -6.26
N GLU A 199 -21.26 -2.84 -4.95
CA GLU A 199 -20.85 -1.65 -4.20
C GLU A 199 -19.46 -1.21 -4.56
N HIS A 200 -19.25 0.09 -4.40
CA HIS A 200 -17.96 0.78 -4.59
C HIS A 200 -17.07 0.03 -5.59
N ILE A 201 -17.47 0.07 -6.85
CA ILE A 201 -16.66 -0.59 -7.88
C ILE A 201 -15.38 0.25 -8.06
N THR A 202 -14.29 -0.43 -8.37
CA THR A 202 -13.00 0.22 -8.46
C THR A 202 -12.17 -0.05 -9.75
N THR A 203 -12.72 -0.88 -10.62
CA THR A 203 -11.98 -1.37 -11.74
C THR A 203 -12.78 -1.19 -13.02
N LYS A 204 -12.03 -1.12 -14.12
CA LYS A 204 -12.63 -1.24 -15.47
C LYS A 204 -13.43 -2.53 -15.63
N ASP A 205 -12.92 -3.61 -15.04
CA ASP A 205 -13.56 -4.91 -15.09
C ASP A 205 -14.98 -4.83 -14.56
N ALA A 206 -15.14 -4.22 -13.37
CA ALA A 206 -16.46 -4.10 -12.75
C ALA A 206 -17.38 -3.09 -13.48
N ALA A 207 -16.82 -1.96 -13.90
CA ALA A 207 -17.59 -0.92 -14.61
C ALA A 207 -18.13 -1.51 -15.88
N ASP A 208 -17.27 -2.19 -16.64
CA ASP A 208 -17.69 -2.83 -17.89
C ASP A 208 -18.69 -3.91 -17.62
N TYR A 209 -18.45 -4.73 -16.57
CA TYR A 209 -19.41 -5.77 -16.19
C TYR A 209 -20.84 -5.22 -15.97
N VAL A 210 -20.93 -4.18 -15.19
CA VAL A 210 -22.20 -3.55 -14.87
C VAL A 210 -22.82 -2.86 -16.11
N ARG A 211 -21.99 -2.14 -16.84
CA ARG A 211 -22.40 -1.30 -17.98
C ARG A 211 -23.03 -2.18 -19.05
N ASP A 212 -22.43 -3.35 -19.28
CA ASP A 212 -22.79 -4.23 -20.38
C ASP A 212 -23.63 -5.45 -20.02
N ALA A 213 -23.91 -5.65 -18.73
CA ALA A 213 -24.67 -6.79 -18.27
C ALA A 213 -26.07 -6.88 -18.88
N ASP A 214 -26.51 -8.10 -19.21
CA ASP A 214 -27.86 -8.31 -19.66
C ASP A 214 -28.67 -8.34 -18.36
N ALA A 215 -29.43 -7.31 -18.08
CA ALA A 215 -30.23 -7.22 -16.86
C ALA A 215 -31.49 -6.42 -17.11
N ALA A 216 -32.60 -6.92 -16.61
CA ALA A 216 -33.86 -6.21 -16.68
C ALA A 216 -33.78 -4.91 -15.87
N PRO A 217 -34.66 -3.95 -16.14
CA PRO A 217 -34.58 -2.67 -15.48
C PRO A 217 -34.63 -2.84 -13.96
N GLY A 218 -33.76 -2.13 -13.27
CA GLY A 218 -33.77 -2.17 -11.82
C GLY A 218 -33.13 -3.37 -11.17
N LEU A 219 -32.58 -4.31 -11.95
N LEU A 219 -32.58 -4.30 -11.95
CA LEU A 219 -32.01 -5.52 -11.38
CA LEU A 219 -32.01 -5.52 -11.34
C LEU A 219 -30.54 -5.41 -11.02
C LEU A 219 -30.52 -5.44 -11.05
N LEU A 220 -29.82 -4.48 -11.63
CA LEU A 220 -28.36 -4.33 -11.36
C LEU A 220 -27.95 -2.86 -11.28
N GLY A 221 -27.24 -2.54 -10.21
CA GLY A 221 -26.75 -1.20 -9.97
C GLY A 221 -25.34 -1.28 -9.45
N ALA A 222 -24.70 -0.12 -9.30
CA ALA A 222 -23.34 -0.07 -8.70
C ALA A 222 -23.16 1.31 -8.09
N THR A 223 -22.43 1.38 -7.00
CA THR A 223 -22.06 2.64 -6.41
C THR A 223 -20.60 2.95 -6.68
N ILE A 224 -20.27 4.25 -6.70
CA ILE A 224 -18.91 4.74 -6.97
C ILE A 224 -18.56 5.84 -5.95
N THR A 225 -17.44 5.67 -5.24
CA THR A 225 -17.00 6.62 -4.19
C THR A 225 -16.33 7.85 -4.82
N ALA A 226 -16.18 8.92 -4.06
CA ALA A 226 -15.48 10.07 -4.54
C ALA A 226 -13.96 9.81 -4.62
N HIS A 227 -13.43 9.10 -3.64
CA HIS A 227 -11.97 8.84 -3.59
C HIS A 227 -11.45 7.96 -4.73
N HIS A 228 -12.25 6.98 -5.13
CA HIS A 228 -11.85 6.14 -6.29
C HIS A 228 -11.98 6.92 -7.61
N LEU A 229 -12.71 8.04 -7.64
CA LEU A 229 -12.71 8.93 -8.84
C LEU A 229 -11.52 9.84 -8.85
N LEU A 230 -11.08 10.28 -7.67
CA LEU A 230 -10.08 11.32 -7.62
C LEU A 230 -8.63 10.80 -7.61
N TYR A 231 -8.42 9.63 -7.02
CA TYR A 231 -7.07 9.09 -6.75
C TYR A 231 -6.82 7.76 -7.41
N ASN A 232 -5.55 7.49 -7.70
CA ASN A 232 -5.11 6.15 -8.02
C ASN A 232 -4.17 5.70 -6.94
N ARG A 233 -3.77 4.43 -7.02
CA ARG A 233 -3.01 3.81 -5.95
C ARG A 233 -1.69 4.52 -5.62
N ASN A 234 -1.14 5.32 -6.53
CA ASN A 234 0.07 6.07 -6.16
C ASN A 234 -0.17 6.96 -4.93
N ALA A 235 -1.41 7.39 -4.73
CA ALA A 235 -1.74 8.20 -3.56
C ALA A 235 -1.40 7.56 -2.24
N LEU A 236 -1.39 6.23 -2.19
CA LEU A 236 -1.06 5.48 -0.97
C LEU A 236 0.38 5.58 -0.57
N PHE A 237 1.20 6.02 -1.51
CA PHE A 237 2.67 5.95 -1.39
C PHE A 237 3.38 7.25 -1.74
N VAL A 238 2.65 8.36 -1.94
CA VAL A 238 3.26 9.68 -2.25
C VAL A 238 4.08 10.18 -1.12
N GLY A 239 5.42 10.16 -1.24
CA GLY A 239 6.24 10.76 -0.21
C GLY A 239 6.28 9.99 1.10
N GLY A 240 5.74 8.77 1.11
CA GLY A 240 5.57 8.02 2.35
C GLY A 240 4.24 7.28 2.27
N ILE A 241 4.05 6.32 3.17
CA ILE A 241 2.81 5.51 3.16
C ILE A 241 1.70 6.32 3.86
N ARG A 242 0.49 6.34 3.26
CA ARG A 242 -0.57 7.27 3.67
C ARG A 242 -1.81 6.52 4.12
N PRO A 243 -1.89 6.19 5.40
CA PRO A 243 -2.99 5.31 5.85
C PRO A 243 -4.39 5.93 5.71
N HIS A 244 -4.46 7.27 5.72
CA HIS A 244 -5.77 7.95 5.60
C HIS A 244 -6.37 7.77 4.19
N TYR A 245 -5.55 7.34 3.22
CA TYR A 245 -5.95 7.06 1.83
C TYR A 245 -6.23 5.56 1.63
N TYR A 246 -6.10 4.77 2.69
CA TYR A 246 -6.28 3.32 2.65
C TYR A 246 -7.72 2.95 3.00
N CYS A 247 -8.32 2.21 2.08
CA CYS A 247 -9.70 1.71 2.22
C CYS A 247 -9.80 0.40 1.46
N LEU A 248 -10.92 -0.30 1.64
CA LEU A 248 -11.27 -1.48 0.80
C LEU A 248 -12.55 -1.14 -0.02
N PRO A 249 -12.57 -1.46 -1.29
CA PRO A 249 -11.45 -2.02 -2.01
C PRO A 249 -10.36 -0.98 -2.23
N VAL A 250 -9.13 -1.45 -2.29
CA VAL A 250 -8.00 -0.52 -2.40
C VAL A 250 -8.05 0.30 -3.72
N LEU A 251 -7.50 1.49 -3.68
CA LEU A 251 -7.25 2.30 -4.88
C LEU A 251 -6.51 1.49 -5.91
N LYS A 252 -6.86 1.68 -7.21
CA LYS A 252 -6.30 0.83 -8.27
C LYS A 252 -5.39 1.63 -9.21
N ARG A 253 -4.84 0.96 -10.22
CA ARG A 253 -4.13 1.66 -11.28
C ARG A 253 -4.89 2.81 -11.91
N GLU A 254 -4.15 3.81 -12.34
CA GLU A 254 -4.71 4.91 -13.11
C GLU A 254 -5.68 4.51 -14.24
N THR A 255 -5.41 3.42 -14.95
CA THR A 255 -6.27 3.00 -16.04
C THR A 255 -7.68 2.66 -15.54
N HIS A 256 -7.74 2.10 -14.33
CA HIS A 256 -8.99 1.79 -13.70
C HIS A 256 -9.71 3.04 -13.25
N ARG A 257 -8.97 3.98 -12.66
CA ARG A 257 -9.59 5.24 -12.21
C ARG A 257 -10.26 5.95 -13.41
N VAL A 258 -9.57 5.97 -14.54
CA VAL A 258 -10.09 6.62 -15.77
C VAL A 258 -11.41 5.97 -16.19
N ALA A 259 -11.48 4.64 -16.08
CA ALA A 259 -12.68 3.93 -16.44
C ALA A 259 -13.83 4.25 -15.51
N LEU A 260 -13.52 4.40 -14.20
CA LEU A 260 -14.57 4.76 -13.26
C LEU A 260 -15.13 6.14 -13.50
N VAL A 261 -14.28 7.06 -13.87
CA VAL A 261 -14.71 8.45 -14.15
C VAL A 261 -15.62 8.39 -15.38
N GLU A 262 -15.19 7.62 -16.36
CA GLU A 262 -16.03 7.47 -17.55
C GLU A 262 -17.42 6.91 -17.19
N ALA A 263 -17.46 5.85 -16.38
CA ALA A 263 -18.74 5.35 -15.93
C ALA A 263 -19.58 6.36 -15.11
N ALA A 264 -18.95 7.03 -14.14
CA ALA A 264 -19.70 7.92 -13.24
C ALA A 264 -20.28 9.12 -13.96
N THR A 265 -19.67 9.50 -15.08
CA THR A 265 -20.08 10.69 -15.88
C THR A 265 -20.81 10.30 -17.15
N SER A 266 -21.15 9.03 -17.29
CA SER A 266 -21.79 8.50 -18.53
C SER A 266 -23.28 8.84 -18.73
N GLY A 267 -24.01 9.03 -17.65
CA GLY A 267 -25.45 9.06 -17.72
C GLY A 267 -26.12 7.71 -17.69
N ASN A 268 -25.35 6.63 -17.56
CA ASN A 268 -25.94 5.29 -17.55
C ASN A 268 -26.67 5.13 -16.21
N PRO A 269 -27.94 4.72 -16.20
CA PRO A 269 -28.71 4.67 -14.95
C PRO A 269 -28.28 3.61 -13.93
N ARG A 270 -27.32 2.78 -14.29
CA ARG A 270 -26.86 1.75 -13.35
C ARG A 270 -25.87 2.22 -12.34
N PHE A 271 -25.30 3.42 -12.51
CA PHE A 271 -24.23 3.92 -11.61
C PHE A 271 -24.77 5.10 -10.81
N PHE A 272 -24.50 5.06 -9.51
CA PHE A 272 -24.96 6.10 -8.62
C PHE A 272 -24.03 6.23 -7.40
N LEU A 273 -24.24 7.34 -6.71
CA LEU A 273 -23.35 7.83 -5.68
C LEU A 273 -23.42 7.00 -4.44
N GLY A 274 -22.26 6.54 -3.97
CA GLY A 274 -22.11 5.98 -2.61
C GLY A 274 -20.74 6.32 -2.09
N THR A 275 -20.69 7.04 -0.98
CA THR A 275 -19.39 7.56 -0.53
C THR A 275 -18.47 6.49 0.01
N ASP A 276 -19.05 5.45 0.61
CA ASP A 276 -18.33 4.57 1.49
C ASP A 276 -17.50 5.37 2.53
N SER A 277 -18.01 6.50 2.98
CA SER A 277 -17.37 7.27 4.03
C SER A 277 -17.33 6.34 5.28
N ALA A 278 -16.15 6.18 5.88
CA ALA A 278 -15.83 5.06 6.77
C ALA A 278 -14.84 5.54 7.83
N PRO A 279 -15.35 6.27 8.83
CA PRO A 279 -14.41 6.97 9.71
C PRO A 279 -13.78 6.06 10.72
N HIS A 280 -12.48 6.31 11.03
CA HIS A 280 -11.81 5.72 12.17
C HIS A 280 -11.10 6.81 12.94
N ALA A 281 -10.98 6.64 14.25
CA ALA A 281 -10.12 7.49 15.06
C ALA A 281 -8.70 7.54 14.46
N ARG A 282 -8.07 8.71 14.51
CA ARG A 282 -6.72 8.89 13.99
C ARG A 282 -5.77 7.84 14.54
N ASP A 283 -5.91 7.51 15.82
CA ASP A 283 -5.00 6.57 16.46
C ASP A 283 -5.27 5.10 16.04
N ALA A 284 -6.38 4.85 15.35
CA ALA A 284 -6.61 3.55 14.75
C ALA A 284 -6.11 3.52 13.30
N LYS A 285 -5.83 4.69 12.72
CA LYS A 285 -5.25 4.77 11.37
C LYS A 285 -3.71 4.78 11.40
N GLU A 286 -3.13 5.47 12.40
CA GLU A 286 -1.67 5.75 12.45
C GLU A 286 -1.01 4.78 13.46
N THR A 287 -1.04 3.51 13.12
CA THR A 287 -0.57 2.39 13.94
C THR A 287 0.11 1.39 13.06
N ALA A 288 0.58 0.29 13.66
CA ALA A 288 1.23 -0.77 12.86
C ALA A 288 0.30 -1.56 11.93
N CYS A 289 -1.01 -1.52 12.21
CA CYS A 289 -1.98 -2.18 11.36
C CYS A 289 -3.20 -1.26 11.26
N GLY A 290 -3.14 -0.32 10.32
CA GLY A 290 -4.10 0.78 10.21
C GLY A 290 -5.41 0.28 9.64
N CYS A 291 -6.52 0.71 10.22
CA CYS A 291 -7.84 0.30 9.75
C CYS A 291 -8.14 0.87 8.35
N ALA A 292 -8.87 0.12 7.58
CA ALA A 292 -9.30 0.54 6.28
C ALA A 292 -10.52 1.46 6.32
N GLY A 293 -10.46 2.55 5.60
CA GLY A 293 -11.64 3.44 5.44
C GLY A 293 -11.23 4.89 5.32
N CYS A 294 -11.80 5.56 4.34
CA CYS A 294 -11.59 7.00 4.13
C CYS A 294 -12.79 7.81 4.64
N TYR A 295 -12.53 8.92 5.36
CA TYR A 295 -13.61 9.75 5.87
C TYR A 295 -13.90 10.92 4.95
N THR A 296 -15.01 10.83 4.26
CA THR A 296 -15.39 11.83 3.27
C THR A 296 -16.78 12.48 3.52
N ALA A 297 -17.48 12.13 4.60
CA ALA A 297 -18.81 12.72 4.80
C ALA A 297 -18.81 14.22 5.06
N LEU A 298 -17.72 14.75 5.62
CA LEU A 298 -17.64 16.25 5.79
C LEU A 298 -17.81 16.97 4.46
N HIS A 299 -17.20 16.42 3.39
CA HIS A 299 -16.96 17.13 2.14
C HIS A 299 -17.21 16.28 0.88
N ALA A 300 -18.07 15.24 1.00
CA ALA A 300 -18.25 14.31 -0.15
C ALA A 300 -18.70 15.00 -1.44
N LEU A 301 -19.77 15.78 -1.36
CA LEU A 301 -20.31 16.43 -2.57
C LEU A 301 -19.29 17.31 -3.25
N GLU A 302 -18.48 18.01 -2.44
CA GLU A 302 -17.39 18.84 -2.98
C GLU A 302 -16.31 18.02 -3.69
N LEU A 303 -15.95 16.87 -3.15
CA LEU A 303 -15.04 15.92 -3.83
C LEU A 303 -15.63 15.42 -5.13
N TYR A 304 -16.91 15.06 -5.14
CA TYR A 304 -17.53 14.63 -6.37
C TYR A 304 -17.56 15.80 -7.37
N ALA A 305 -17.83 17.00 -6.89
CA ALA A 305 -17.91 18.13 -7.78
C ALA A 305 -16.55 18.34 -8.44
N GLU A 306 -15.49 18.24 -7.67
CA GLU A 306 -14.16 18.31 -8.28
C GLU A 306 -13.95 17.29 -9.40
N ALA A 307 -14.26 16.04 -9.09
CA ALA A 307 -14.11 14.97 -10.12
C ALA A 307 -14.93 15.24 -11.38
N PHE A 308 -16.19 15.60 -11.21
CA PHE A 308 -17.06 15.82 -12.37
C PHE A 308 -16.61 17.06 -13.16
N ASP A 309 -16.17 18.08 -12.45
CA ASP A 309 -15.62 19.32 -13.08
C ASP A 309 -14.39 19.03 -13.90
N THR A 310 -13.46 18.30 -13.33
CA THR A 310 -12.25 17.87 -14.06
C THR A 310 -12.58 17.12 -15.34
N ALA A 311 -13.66 16.34 -15.30
CA ALA A 311 -14.10 15.56 -16.44
C ALA A 311 -14.93 16.35 -17.45
N GLY A 312 -15.22 17.61 -17.14
CA GLY A 312 -16.10 18.41 -17.95
C GLY A 312 -17.52 17.90 -18.02
N ALA A 313 -18.03 17.37 -16.90
CA ALA A 313 -19.31 16.71 -16.90
C ALA A 313 -20.13 17.10 -15.66
N LEU A 314 -20.04 18.33 -15.18
CA LEU A 314 -20.86 18.73 -14.04
C LEU A 314 -22.36 18.56 -14.31
N ASP A 315 -22.75 18.69 -15.58
CA ASP A 315 -24.15 18.43 -15.98
C ASP A 315 -24.61 16.97 -15.75
N LYS A 316 -23.68 16.08 -15.43
CA LYS A 316 -24.01 14.68 -15.15
C LYS A 316 -24.14 14.42 -13.65
N LEU A 317 -23.70 15.35 -12.80
CA LEU A 317 -23.66 15.10 -11.34
C LEU A 317 -25.06 14.78 -10.79
N GLU A 318 -26.07 15.55 -11.22
CA GLU A 318 -27.43 15.31 -10.75
C GLU A 318 -27.96 13.90 -10.94
N GLY A 319 -27.84 13.38 -12.15
CA GLY A 319 -28.30 12.04 -12.40
C GLY A 319 -27.70 11.06 -11.40
N PHE A 320 -26.37 11.11 -11.33
CA PHE A 320 -25.59 10.18 -10.57
C PHE A 320 -25.83 10.33 -9.07
N ALA A 321 -25.92 11.58 -8.58
CA ALA A 321 -26.05 11.85 -7.16
C ALA A 321 -27.48 11.82 -6.60
N SER A 322 -28.45 12.20 -7.47
CA SER A 322 -29.80 12.57 -7.05
C SER A 322 -30.91 11.70 -7.62
N PHE A 323 -30.72 11.06 -8.77
CA PHE A 323 -31.78 10.40 -9.46
C PHE A 323 -31.64 8.87 -9.48
N PHE A 324 -30.49 8.39 -9.96
CA PHE A 324 -30.41 6.96 -10.29
C PHE A 324 -30.44 5.99 -9.13
N GLY A 325 -29.84 6.33 -7.99
CA GLY A 325 -29.94 5.48 -6.79
C GLY A 325 -31.37 5.52 -6.22
N ALA A 326 -32.02 6.68 -6.19
CA ALA A 326 -33.44 6.75 -5.77
C ALA A 326 -34.32 5.85 -6.62
N ASP A 327 -34.14 5.97 -7.91
CA ASP A 327 -34.86 5.13 -8.86
C ASP A 327 -34.62 3.64 -8.60
N PHE A 328 -33.37 3.24 -8.38
CA PHE A 328 -33.05 1.82 -8.14
C PHE A 328 -33.75 1.29 -6.90
N TYR A 329 -33.79 2.12 -5.87
CA TYR A 329 -34.40 1.73 -4.61
C TYR A 329 -35.90 2.05 -4.52
N GLY A 330 -36.46 2.57 -5.60
CA GLY A 330 -37.90 2.79 -5.65
C GLY A 330 -38.39 3.92 -4.77
N LEU A 331 -37.54 4.91 -4.58
CA LEU A 331 -37.82 6.03 -3.70
C LEU A 331 -37.93 7.30 -4.56
N PRO A 332 -38.73 8.26 -4.10
CA PRO A 332 -38.96 9.48 -4.96
C PRO A 332 -37.73 10.35 -5.04
N ARG A 333 -37.56 10.96 -6.19
CA ARG A 333 -36.52 12.00 -6.37
C ARG A 333 -36.90 13.23 -5.54
N SER A 334 -35.91 13.84 -4.92
CA SER A 334 -36.11 15.03 -4.04
C SER A 334 -36.69 16.26 -4.80
N ALA A 335 -37.63 16.92 -4.14
CA ALA A 335 -38.17 18.20 -4.59
C ALA A 335 -37.36 19.38 -4.08
N GLU A 336 -36.33 19.13 -3.27
CA GLU A 336 -35.46 20.16 -2.75
C GLU A 336 -34.29 20.41 -3.71
N THR A 337 -33.83 21.65 -3.79
CA THR A 337 -32.63 22.00 -4.58
C THR A 337 -31.53 22.39 -3.63
N VAL A 338 -30.31 21.90 -3.90
CA VAL A 338 -29.10 22.36 -3.20
C VAL A 338 -28.10 22.97 -4.18
N THR A 339 -27.14 23.71 -3.66
CA THR A 339 -26.23 24.44 -4.52
C THR A 339 -24.79 24.33 -4.07
N LEU A 340 -23.95 23.91 -5.02
CA LEU A 340 -22.50 23.90 -4.85
C LEU A 340 -21.89 25.20 -5.46
N ARG A 341 -21.06 25.84 -4.66
CA ARG A 341 -20.40 27.09 -5.05
C ARG A 341 -18.91 26.79 -5.26
N ARG A 342 -18.34 27.28 -6.34
CA ARG A 342 -16.92 27.12 -6.58
C ARG A 342 -16.16 28.21 -5.80
N GLU A 343 -16.09 28.05 -4.49
CA GLU A 343 -15.37 28.93 -3.58
C GLU A 343 -14.28 28.06 -2.93
N PRO A 344 -13.07 28.60 -2.71
CA PRO A 344 -12.07 27.76 -2.04
C PRO A 344 -12.29 27.67 -0.53
N TRP A 345 -11.93 26.53 0.08
CA TRP A 345 -11.86 26.48 1.55
C TRP A 345 -10.89 25.45 2.08
N GLU A 346 -10.34 25.78 3.23
CA GLU A 346 -9.33 24.96 3.82
C GLU A 346 -10.02 23.97 4.72
N LEU A 347 -9.89 22.72 4.35
CA LEU A 347 -10.45 21.66 5.16
C LEU A 347 -9.75 21.63 6.52
N PRO A 348 -10.51 21.34 7.58
CA PRO A 348 -9.84 21.11 8.85
C PRO A 348 -8.99 19.85 8.80
N ARG A 349 -7.90 19.84 9.56
CA ARG A 349 -7.06 18.66 9.62
C ARG A 349 -7.72 17.54 10.43
N GLU A 350 -8.53 17.94 11.41
CA GLU A 350 -9.20 17.01 12.30
C GLU A 350 -10.62 17.50 12.61
N ILE A 351 -11.53 16.55 12.71
CA ILE A 351 -12.86 16.75 13.26
C ILE A 351 -12.93 15.86 14.50
N PHE A 352 -13.72 16.25 15.49
CA PHE A 352 -13.67 15.58 16.77
C PHE A 352 -14.91 14.77 17.07
N ALA A 353 -14.71 13.56 17.53
CA ALA A 353 -15.78 12.73 18.08
C ALA A 353 -15.61 12.75 19.59
N GLY A 354 -16.24 13.71 20.25
CA GLY A 354 -15.94 14.02 21.66
C GLY A 354 -14.53 14.57 21.73
N GLU A 355 -13.62 13.82 22.37
CA GLU A 355 -12.20 14.22 22.48
C GLU A 355 -11.35 13.58 21.36
N THR A 356 -11.97 12.71 20.56
CA THR A 356 -11.23 11.79 19.66
C THR A 356 -11.16 12.32 18.23
N PRO A 357 -9.94 12.49 17.71
CA PRO A 357 -9.93 13.19 16.44
C PRO A 357 -10.06 12.19 15.31
N VAL A 358 -10.72 12.63 14.24
CA VAL A 358 -10.79 11.90 12.97
C VAL A 358 -10.22 12.82 11.93
N VAL A 359 -9.33 12.29 11.11
CA VAL A 359 -8.75 13.05 10.02
C VAL A 359 -9.60 12.89 8.75
N PRO A 360 -10.18 13.99 8.21
CA PRO A 360 -10.88 13.88 6.92
C PRO A 360 -9.88 13.59 5.84
N LEU A 361 -10.32 12.83 4.82
CA LEU A 361 -9.47 12.68 3.64
C LEU A 361 -9.13 14.08 3.14
N ARG A 362 -7.83 14.31 2.91
CA ARG A 362 -7.32 15.62 2.50
C ARG A 362 -7.36 16.70 3.57
N GLY A 363 -7.57 16.32 4.82
CA GLY A 363 -7.66 17.28 5.91
C GLY A 363 -6.41 18.17 5.87
N GLY A 364 -6.64 19.46 6.03
CA GLY A 364 -5.53 20.44 5.94
C GLY A 364 -5.38 21.12 4.60
N GLU A 365 -5.92 20.50 3.55
CA GLU A 365 -5.79 21.00 2.23
C GLU A 365 -6.92 21.92 1.92
N THR A 366 -6.71 22.69 0.85
CA THR A 366 -7.66 23.69 0.40
C THR A 366 -8.32 23.12 -0.84
N ILE A 367 -9.61 22.82 -0.76
CA ILE A 367 -10.38 22.40 -1.92
C ILE A 367 -11.23 23.49 -2.56
N GLY A 368 -11.73 23.20 -3.77
CA GLY A 368 -12.25 24.22 -4.66
C GLY A 368 -13.76 24.41 -4.72
N TRP A 369 -14.53 23.60 -3.98
CA TRP A 369 -15.99 23.71 -3.91
C TRP A 369 -16.47 23.72 -2.46
N LYS A 370 -17.63 24.34 -2.23
CA LYS A 370 -18.30 24.32 -0.92
C LYS A 370 -19.81 24.27 -1.11
N LEU A 371 -20.44 23.32 -0.44
CA LEU A 371 -21.89 23.24 -0.44
C LEU A 371 -22.46 24.44 0.33
N ALA A 372 -23.27 25.22 -0.36
CA ALA A 372 -23.94 26.39 0.26
C ALA A 372 -24.95 25.93 1.29
N PRO B 18 12.64 -34.09 18.94
CA PRO B 18 12.50 -34.82 17.69
C PRO B 18 11.82 -34.04 16.58
N MET B 19 12.41 -34.09 15.39
CA MET B 19 11.83 -33.44 14.22
C MET B 19 10.59 -34.21 13.75
N THR B 20 9.56 -33.47 13.35
CA THR B 20 8.45 -34.06 12.60
C THR B 20 9.07 -34.57 11.29
N ALA B 21 8.54 -35.69 10.77
CA ALA B 21 9.07 -36.25 9.54
C ALA B 21 9.16 -35.18 8.43
N SER B 22 8.19 -34.25 8.39
CA SER B 22 8.21 -33.13 7.44
C SER B 22 9.43 -32.17 7.61
N ASN B 23 9.70 -31.74 8.85
CA ASN B 23 10.90 -30.94 9.14
C ASN B 23 12.22 -31.73 8.93
N ALA B 24 12.24 -33.03 9.25
CA ALA B 24 13.44 -33.90 9.02
C ALA B 24 13.72 -34.19 7.53
N SER B 25 12.73 -33.85 6.70
CA SER B 25 12.83 -33.88 5.24
C SER B 25 14.02 -33.10 4.67
N SER B 26 14.48 -32.09 5.43
CA SER B 26 15.57 -31.20 5.00
C SER B 26 16.56 -31.01 6.14
N PRO B 27 17.77 -30.51 5.82
CA PRO B 27 18.79 -30.40 6.88
C PRO B 27 18.34 -29.50 8.05
N ALA B 28 18.71 -29.89 9.26
CA ALA B 28 18.34 -29.20 10.50
C ALA B 28 19.27 -28.04 10.86
N THR B 29 20.47 -28.02 10.29
CA THR B 29 21.36 -26.88 10.42
C THR B 29 22.04 -26.59 9.09
N LEU B 30 22.65 -25.41 9.02
CA LEU B 30 23.37 -25.02 7.85
C LEU B 30 24.60 -24.24 8.28
N SER B 31 25.74 -24.74 7.88
CA SER B 31 27.00 -24.06 8.08
C SER B 31 27.49 -23.44 6.76
N LEU B 32 28.07 -22.25 6.85
CA LEU B 32 28.56 -21.52 5.67
C LEU B 32 29.65 -20.54 6.03
N ALA B 33 30.45 -20.19 5.05
CA ALA B 33 31.46 -19.15 5.22
C ALA B 33 30.80 -17.88 5.76
N ARG B 34 31.49 -17.16 6.62
CA ARG B 34 30.88 -15.99 7.25
C ARG B 34 30.46 -15.01 6.17
N PRO B 35 29.17 -14.66 6.15
CA PRO B 35 28.62 -13.87 5.06
C PRO B 35 28.83 -12.37 5.23
N ASP B 36 28.39 -11.60 4.22
CA ASP B 36 28.52 -10.15 4.19
C ASP B 36 27.19 -9.53 3.73
N ASP B 37 26.96 -8.25 4.08
CA ASP B 37 25.73 -7.55 3.71
C ASP B 37 26.07 -6.41 2.73
N TRP B 38 25.77 -6.62 1.44
CA TRP B 38 26.24 -5.70 0.38
C TRP B 38 25.30 -4.48 0.19
N HIS B 39 24.39 -4.26 1.13
CA HIS B 39 23.55 -3.06 1.09
C HIS B 39 22.94 -2.75 2.44
N LEU B 40 23.54 -1.81 3.18
CA LEU B 40 23.12 -1.58 4.56
C LEU B 40 22.97 -0.12 4.93
N HIS B 41 21.93 0.19 5.72
CA HIS B 41 21.78 1.54 6.32
C HIS B 41 22.05 1.46 7.82
N LEU B 42 23.21 1.99 8.28
CA LEU B 42 23.56 1.99 9.70
C LEU B 42 23.11 3.21 10.47
N ARG B 43 22.72 4.25 9.74
CA ARG B 43 22.29 5.55 10.34
C ARG B 43 23.47 6.12 11.15
N ASP B 44 23.18 6.84 12.21
CA ASP B 44 24.23 7.60 12.92
C ASP B 44 23.75 7.72 14.37
N GLY B 45 24.63 8.17 15.26
CA GLY B 45 24.25 8.46 16.62
C GLY B 45 23.77 7.25 17.40
N ASP B 46 22.70 7.46 18.18
CA ASP B 46 22.13 6.40 18.99
C ASP B 46 21.54 5.31 18.13
N MET B 47 21.02 5.65 16.95
CA MET B 47 20.44 4.62 16.06
C MET B 47 21.57 3.68 15.59
N LEU B 48 22.64 4.26 15.05
CA LEU B 48 23.88 3.47 14.75
C LEU B 48 24.31 2.55 15.91
N ALA B 49 24.34 3.09 17.13
CA ALA B 49 24.81 2.35 18.29
C ALA B 49 23.95 1.15 18.57
N ALA B 50 22.64 1.30 18.33
CA ALA B 50 21.69 0.23 18.54
C ALA B 50 21.72 -0.85 17.45
N VAL B 51 21.87 -0.44 16.19
CA VAL B 51 21.67 -1.40 15.06
C VAL B 51 22.98 -2.02 14.57
N LEU B 52 24.12 -1.34 14.77
CA LEU B 52 25.42 -1.91 14.36
C LEU B 52 25.70 -3.29 14.97
N PRO B 53 25.43 -3.50 16.29
CA PRO B 53 25.70 -4.81 16.85
C PRO B 53 24.88 -5.94 16.22
N HIS B 54 23.68 -5.61 15.76
CA HIS B 54 22.85 -6.60 15.10
C HIS B 54 23.50 -7.10 13.79
N THR B 55 23.95 -6.18 12.95
CA THR B 55 24.67 -6.52 11.73
C THR B 55 25.98 -7.25 12.06
N ALA B 56 26.70 -6.73 13.03
CA ALA B 56 28.06 -7.22 13.28
C ALA B 56 28.06 -8.65 13.81
N ARG B 57 26.98 -9.06 14.44
CA ARG B 57 26.87 -10.44 14.89
C ARG B 57 26.79 -11.38 13.72
N GLN B 58 26.20 -10.89 12.63
CA GLN B 58 25.85 -11.76 11.48
C GLN B 58 26.84 -11.73 10.30
N PHE B 59 27.38 -10.56 10.03
CA PHE B 59 28.07 -10.27 8.80
C PHE B 59 29.48 -9.76 9.07
N GLY B 60 30.46 -10.25 8.35
CA GLY B 60 31.84 -9.78 8.55
C GLY B 60 32.10 -8.39 8.05
N ARG B 61 31.46 -8.07 6.92
CA ARG B 61 31.54 -6.79 6.21
C ARG B 61 30.14 -6.36 5.76
N ALA B 62 29.98 -5.05 5.56
CA ALA B 62 28.82 -4.49 4.93
C ALA B 62 29.17 -3.26 4.14
N ILE B 63 28.45 -3.09 3.03
CA ILE B 63 28.44 -1.89 2.29
C ILE B 63 27.57 -0.88 3.04
N VAL B 64 28.22 0.14 3.57
CA VAL B 64 27.54 1.11 4.44
C VAL B 64 27.09 2.29 3.56
N MET B 65 25.78 2.41 3.34
CA MET B 65 25.24 3.41 2.42
C MET B 65 25.42 4.84 2.98
N PRO B 66 25.43 5.83 2.08
CA PRO B 66 25.89 7.18 2.46
C PRO B 66 24.78 8.22 2.68
N ASN B 67 23.53 7.79 2.76
CA ASN B 67 22.38 8.70 2.84
C ASN B 67 22.07 9.20 4.26
N LEU B 68 23.09 9.76 4.89
CA LEU B 68 22.96 10.52 6.13
C LEU B 68 22.33 11.88 5.77
N LYS B 69 21.90 12.66 6.79
CA LYS B 69 21.37 13.99 6.59
C LYS B 69 22.30 14.90 7.34
N PRO B 70 23.19 15.61 6.64
CA PRO B 70 23.45 15.66 5.24
C PRO B 70 24.32 14.45 4.79
N PRO B 71 24.32 14.17 3.50
CA PRO B 71 24.94 12.92 3.02
C PRO B 71 26.47 12.92 3.04
N VAL B 72 27.01 11.70 2.93
CA VAL B 72 28.45 11.48 2.86
C VAL B 72 28.82 11.61 1.38
N THR B 73 29.46 12.70 0.99
CA THR B 73 29.77 12.92 -0.41
C THR B 73 31.26 12.98 -0.70
N THR B 74 32.10 12.97 0.33
CA THR B 74 33.55 13.02 0.13
C THR B 74 34.23 11.89 0.89
N THR B 75 35.42 11.53 0.42
CA THR B 75 36.27 10.59 1.11
C THR B 75 36.49 10.94 2.59
N ALA B 76 36.73 12.22 2.88
CA ALA B 76 36.99 12.65 4.25
C ALA B 76 35.78 12.46 5.17
N GLN B 77 34.60 12.76 4.66
CA GLN B 77 33.36 12.50 5.38
C GLN B 77 33.18 11.01 5.65
N ALA B 78 33.53 10.17 4.67
CA ALA B 78 33.40 8.71 4.82
C ALA B 78 34.35 8.20 5.87
N GLN B 79 35.55 8.78 5.89
CA GLN B 79 36.56 8.41 6.88
C GLN B 79 36.06 8.70 8.30
N ALA B 80 35.42 9.85 8.49
CA ALA B 80 34.91 10.24 9.79
C ALA B 80 33.68 9.41 10.20
N TYR B 81 32.80 9.13 9.25
CA TYR B 81 31.67 8.21 9.49
C TYR B 81 32.20 6.84 9.88
N ARG B 82 33.21 6.32 9.14
CA ARG B 82 33.83 5.06 9.58
C ARG B 82 34.33 5.07 11.03
N GLU B 83 34.94 6.17 11.45
CA GLU B 83 35.42 6.24 12.84
C GLU B 83 34.27 6.16 13.82
N ARG B 84 33.13 6.80 13.53
CA ARG B 84 31.96 6.72 14.41
C ARG B 84 31.41 5.30 14.50
N ILE B 85 31.43 4.60 13.37
CA ILE B 85 30.96 3.21 13.34
C ILE B 85 31.85 2.30 14.18
N LEU B 86 33.17 2.44 14.02
CA LEU B 86 34.11 1.63 14.73
C LEU B 86 34.03 1.85 16.25
N ALA B 87 33.79 3.09 16.65
CA ALA B 87 33.62 3.44 18.07
C ALA B 87 32.33 2.86 18.66
N ALA B 88 31.32 2.59 17.81
CA ALA B 88 30.08 1.97 18.25
C ALA B 88 30.09 0.45 18.25
N LEU B 89 31.19 -0.14 17.78
CA LEU B 89 31.27 -1.58 17.66
C LEU B 89 31.70 -2.18 18.99
N PRO B 90 30.83 -2.98 19.61
CA PRO B 90 31.23 -3.59 20.88
C PRO B 90 32.42 -4.60 20.90
N ALA B 91 33.08 -4.63 22.06
CA ALA B 91 33.63 -5.85 22.64
C ALA B 91 34.48 -6.73 21.73
N GLY B 92 34.21 -8.03 21.74
CA GLY B 92 34.93 -8.95 20.88
C GLY B 92 34.06 -9.29 19.68
N MET B 93 33.41 -8.27 19.12
CA MET B 93 32.76 -8.38 17.83
C MET B 93 33.75 -7.95 16.78
N THR B 94 33.59 -8.53 15.61
N THR B 94 33.69 -8.59 15.60
CA THR B 94 34.49 -8.33 14.53
CA THR B 94 34.59 -8.23 14.50
C THR B 94 33.58 -7.77 13.42
C THR B 94 33.80 -7.90 13.23
N PHE B 95 33.97 -6.66 12.79
CA PHE B 95 33.19 -6.10 11.65
C PHE B 95 34.02 -5.07 10.90
N GLU B 96 33.96 -5.13 9.57
CA GLU B 96 34.63 -4.23 8.69
C GLU B 96 33.63 -3.44 7.83
N PRO B 97 33.44 -2.12 8.11
CA PRO B 97 32.54 -1.30 7.29
C PRO B 97 33.21 -0.89 5.99
N LEU B 98 32.50 -1.11 4.89
CA LEU B 98 32.94 -0.76 3.61
C LEU B 98 32.17 0.47 3.19
N MET B 99 32.86 1.58 3.08
CA MET B 99 32.20 2.84 2.93
C MET B 99 31.83 3.16 1.49
N THR B 100 30.91 4.12 1.36
CA THR B 100 30.48 4.61 0.09
C THR B 100 30.29 6.11 0.08
N LEU B 101 30.29 6.67 -1.12
CA LEU B 101 29.91 8.09 -1.35
C LEU B 101 28.54 8.20 -1.97
N TYR B 102 27.82 9.29 -1.67
CA TYR B 102 26.52 9.62 -2.29
C TYR B 102 26.83 10.47 -3.51
N LEU B 103 26.53 10.02 -4.73
CA LEU B 103 26.86 10.76 -5.94
C LEU B 103 26.02 12.04 -5.95
N THR B 104 26.64 13.14 -6.37
CA THR B 104 25.95 14.41 -6.56
C THR B 104 26.32 15.03 -7.92
N ASP B 105 25.52 16.00 -8.39
CA ASP B 105 25.88 16.76 -9.59
C ASP B 105 27.29 17.33 -9.49
N ASN B 106 27.67 17.75 -8.30
CA ASN B 106 28.92 18.48 -8.09
C ASN B 106 30.06 17.61 -7.59
N THR B 107 29.88 16.30 -7.65
CA THR B 107 30.96 15.42 -7.25
C THR B 107 32.06 15.51 -8.31
N PRO B 108 33.27 15.98 -7.93
CA PRO B 108 34.31 16.06 -8.94
C PRO B 108 34.92 14.71 -9.25
N PRO B 109 35.40 14.53 -10.50
CA PRO B 109 36.09 13.29 -10.86
C PRO B 109 37.26 12.97 -9.93
N ASP B 110 38.01 13.99 -9.49
CA ASP B 110 39.16 13.68 -8.63
C ASP B 110 38.74 13.11 -7.26
N GLU B 111 37.50 13.31 -6.83
CA GLU B 111 37.04 12.77 -5.53
C GLU B 111 36.92 11.27 -5.69
N ILE B 112 36.63 10.82 -6.90
CA ILE B 112 36.57 9.38 -7.20
C ILE B 112 37.94 8.77 -7.05
N ARG B 113 38.94 9.47 -7.54
CA ARG B 113 40.31 9.00 -7.44
C ARG B 113 40.76 8.97 -6.00
N ARG B 114 40.47 10.04 -5.25
CA ARG B 114 40.75 10.01 -3.81
C ARG B 114 40.07 8.80 -3.10
N ALA B 115 38.81 8.56 -3.42
CA ALA B 115 38.06 7.47 -2.82
C ALA B 115 38.66 6.11 -3.16
N ARG B 116 38.98 5.91 -4.43
CA ARG B 116 39.56 4.64 -4.90
C ARG B 116 40.88 4.40 -4.18
N GLU B 117 41.69 5.45 -4.02
CA GLU B 117 43.01 5.37 -3.40
C GLU B 117 42.94 5.19 -1.88
N SER B 118 41.85 5.64 -1.25
CA SER B 118 41.72 5.66 0.19
C SER B 118 41.89 4.27 0.82
N GLY B 119 41.42 3.24 0.13
CA GLY B 119 41.44 1.88 0.68
C GLY B 119 40.18 1.51 1.47
N PHE B 120 39.24 2.47 1.66
CA PHE B 120 38.07 2.15 2.47
C PHE B 120 36.73 2.60 1.82
N VAL B 121 36.78 3.16 0.62
CA VAL B 121 35.55 3.54 -0.13
C VAL B 121 35.38 2.57 -1.30
N HIS B 122 34.29 1.78 -1.28
CA HIS B 122 34.10 0.66 -2.19
C HIS B 122 33.02 0.84 -3.26
N GLY B 123 32.23 1.93 -3.18
CA GLY B 123 31.30 2.23 -4.21
C GLY B 123 30.74 3.63 -4.07
N VAL B 124 30.05 4.04 -5.12
CA VAL B 124 29.41 5.36 -5.20
C VAL B 124 27.92 5.09 -5.51
N KCX B 125 27.02 5.62 -4.67
CA KCX B 125 25.60 5.36 -4.76
CB KCX B 125 25.04 5.28 -3.37
CG KCX B 125 23.55 4.95 -3.33
CD KCX B 125 23.20 3.53 -3.80
CE KCX B 125 21.74 3.17 -3.56
NZ KCX B 125 21.41 3.12 -2.18
C KCX B 125 24.90 6.47 -5.55
O KCX B 125 25.05 7.67 -5.24
CX KCX B 125 20.18 2.81 -1.78
OQ1 KCX B 125 19.35 2.46 -2.63
OQ2 KCX B 125 19.88 2.78 -0.47
N LEU B 126 24.09 6.04 -6.52
CA LEU B 126 23.18 6.89 -7.26
C LEU B 126 21.76 6.72 -6.77
N TYR B 127 21.18 7.79 -6.22
CA TYR B 127 19.77 7.80 -5.79
C TYR B 127 18.94 8.72 -6.66
N PRO B 128 17.65 8.36 -6.85
CA PRO B 128 16.80 9.28 -7.61
C PRO B 128 16.75 10.66 -6.92
N ALA B 129 16.61 11.70 -7.72
CA ALA B 129 16.42 13.09 -7.26
C ALA B 129 15.08 13.21 -6.53
N GLY B 130 15.09 13.79 -5.32
CA GLY B 130 13.87 13.93 -4.51
C GLY B 130 13.43 15.37 -4.26
N THR B 133 15.91 18.04 -4.20
CA THR B 133 17.34 17.83 -4.18
C THR B 133 18.05 19.05 -4.76
N ASN B 134 19.28 19.21 -4.29
CA ASN B 134 20.19 20.32 -4.54
C ASN B 134 21.53 19.74 -5.15
N SER B 135 22.29 20.51 -5.96
CA SER B 135 23.45 19.95 -6.70
C SER B 135 24.67 19.49 -5.87
N ASP B 136 24.72 19.91 -4.61
CA ASP B 136 25.75 19.49 -3.67
C ASP B 136 25.33 18.31 -2.84
N HIS B 137 24.06 17.94 -2.90
CA HIS B 137 23.53 16.87 -2.05
C HIS B 137 22.89 15.72 -2.83
N GLY B 138 22.77 15.84 -4.14
CA GLY B 138 22.11 14.79 -4.91
C GLY B 138 22.36 15.00 -6.38
N VAL B 139 21.82 14.11 -7.20
CA VAL B 139 21.95 14.18 -8.68
C VAL B 139 20.60 14.63 -9.22
N THR B 140 20.56 15.84 -9.80
CA THR B 140 19.35 16.39 -10.41
C THR B 140 19.29 16.05 -11.89
N ASP B 141 20.44 15.73 -12.49
CA ASP B 141 20.52 15.41 -13.89
C ASP B 141 21.78 14.56 -14.10
N LEU B 142 21.62 13.29 -14.47
CA LEU B 142 22.79 12.37 -14.55
C LEU B 142 23.82 12.81 -15.60
N ALA B 143 23.39 13.61 -16.57
CA ALA B 143 24.28 14.13 -17.61
C ALA B 143 25.36 15.00 -17.00
N LYS B 144 25.05 15.64 -15.88
CA LYS B 144 26.02 16.48 -15.18
C LYS B 144 27.17 15.66 -14.53
N CYS B 145 27.03 14.34 -14.52
CA CYS B 145 27.99 13.48 -13.84
C CYS B 145 28.87 12.69 -14.81
N ALA B 146 28.75 13.00 -16.10
CA ALA B 146 29.42 12.19 -17.09
C ALA B 146 30.94 12.08 -16.87
N LYS B 147 31.61 13.19 -16.59
CA LYS B 147 33.07 13.10 -16.39
C LYS B 147 33.43 12.35 -15.10
N THR B 148 32.56 12.40 -14.12
CA THR B 148 32.75 11.62 -12.90
C THR B 148 32.47 10.13 -13.15
N LEU B 149 31.46 9.82 -13.96
CA LEU B 149 31.24 8.42 -14.36
C LEU B 149 32.45 7.94 -15.17
N GLU B 150 33.02 8.79 -16.04
CA GLU B 150 34.23 8.38 -16.79
C GLU B 150 35.39 8.02 -15.87
N ALA B 151 35.56 8.78 -14.79
CA ALA B 151 36.60 8.51 -13.80
C ALA B 151 36.29 7.22 -13.03
N MET B 152 35.02 6.98 -12.70
CA MET B 152 34.66 5.68 -12.07
C MET B 152 35.01 4.51 -12.96
N GLN B 153 34.68 4.63 -14.24
CA GLN B 153 34.96 3.59 -15.20
C GLN B 153 36.49 3.35 -15.31
N GLU B 154 37.23 4.45 -15.35
CA GLU B 154 38.71 4.36 -15.45
C GLU B 154 39.31 3.70 -14.24
N THR B 155 38.84 4.08 -13.07
CA THR B 155 39.42 3.60 -11.82
C THR B 155 38.90 2.26 -11.24
N GLY B 156 37.77 1.77 -11.77
CA GLY B 156 37.17 0.55 -11.28
C GLY B 156 36.25 0.73 -10.08
N MET B 157 35.85 1.96 -9.82
CA MET B 157 34.90 2.25 -8.74
C MET B 157 33.47 1.93 -9.18
N PRO B 158 32.79 0.97 -8.51
CA PRO B 158 31.43 0.66 -8.95
C PRO B 158 30.40 1.74 -8.67
N LEU B 159 29.42 1.83 -9.55
CA LEU B 159 28.20 2.60 -9.32
C LEU B 159 27.07 1.70 -8.78
N LEU B 160 26.54 2.02 -7.62
CA LEU B 160 25.48 1.24 -6.96
C LEU B 160 24.20 2.03 -7.24
N VAL B 161 23.22 1.40 -7.87
CA VAL B 161 22.11 2.12 -8.37
C VAL B 161 20.82 1.74 -7.70
N HIS B 162 20.08 2.75 -7.19
CA HIS B 162 18.67 2.57 -6.78
C HIS B 162 17.86 2.87 -8.05
N GLY B 163 17.40 1.83 -8.71
CA GLY B 163 16.93 1.94 -10.08
C GLY B 163 15.43 2.11 -10.07
N GLU B 164 14.99 3.32 -9.79
CA GLU B 164 13.59 3.72 -10.00
C GLU B 164 13.52 5.13 -10.55
N VAL B 165 12.59 5.34 -11.45
CA VAL B 165 12.26 6.70 -11.87
C VAL B 165 11.27 7.26 -10.85
N THR B 166 11.13 8.58 -10.81
CA THR B 166 10.16 9.17 -9.88
C THR B 166 8.94 9.88 -10.54
N ASP B 167 8.91 9.93 -11.87
N ASP B 167 8.84 9.83 -11.88
CA ASP B 167 7.77 10.40 -12.68
CA ASP B 167 7.74 10.51 -12.58
C ASP B 167 6.39 10.15 -12.03
C ASP B 167 6.41 10.16 -11.97
N ALA B 168 5.70 11.20 -11.58
CA ALA B 168 4.39 11.07 -10.94
C ALA B 168 3.36 10.40 -11.85
N SER B 169 3.54 10.47 -13.17
CA SER B 169 2.60 9.82 -14.09
C SER B 169 2.89 8.34 -14.32
N ILE B 170 3.95 7.81 -13.69
CA ILE B 170 4.31 6.40 -13.82
C ILE B 170 3.82 5.69 -12.54
N ASP B 171 3.05 4.64 -12.71
CA ASP B 171 2.54 3.86 -11.57
C ASP B 171 3.72 3.37 -10.70
N LEU B 172 3.62 3.46 -9.36
CA LEU B 172 4.72 3.07 -8.44
C LEU B 172 5.33 1.69 -8.75
N PHE B 173 4.46 0.75 -9.11
CA PHE B 173 4.87 -0.61 -9.36
C PHE B 173 5.62 -0.82 -10.68
N ASP B 174 5.57 0.17 -11.55
CA ASP B 174 6.24 0.15 -12.85
C ASP B 174 7.55 0.89 -12.88
N ARG B 175 7.90 1.58 -11.79
CA ARG B 175 9.03 2.51 -11.84
C ARG B 175 10.39 1.84 -12.01
N GLU B 176 10.52 0.60 -11.51
CA GLU B 176 11.78 -0.15 -11.68
C GLU B 176 11.97 -0.56 -13.16
N LYS B 177 10.92 -1.13 -13.74
CA LYS B 177 10.95 -1.51 -15.16
C LYS B 177 11.22 -0.30 -16.08
N VAL B 178 10.62 0.87 -15.79
CA VAL B 178 10.86 2.06 -16.61
C VAL B 178 12.30 2.54 -16.49
N PHE B 179 12.83 2.49 -15.27
CA PHE B 179 14.24 2.83 -15.03
C PHE B 179 15.18 1.96 -15.88
N ILE B 180 14.88 0.70 -16.03
CA ILE B 180 15.75 -0.19 -16.87
C ILE B 180 15.90 0.41 -18.28
N ASP B 181 14.77 0.76 -18.86
CA ASP B 181 14.73 1.24 -20.25
C ASP B 181 15.26 2.67 -20.36
N ARG B 182 14.85 3.53 -19.44
CA ARG B 182 15.16 4.95 -19.55
C ARG B 182 16.56 5.30 -19.08
N VAL B 183 17.06 4.61 -18.06
CA VAL B 183 18.31 5.01 -17.43
C VAL B 183 19.39 3.93 -17.49
N MET B 184 19.06 2.69 -17.09
CA MET B 184 20.11 1.67 -16.96
C MET B 184 20.70 1.32 -18.34
N THR B 185 19.84 1.19 -19.35
CA THR B 185 20.29 0.77 -20.65
C THR B 185 21.24 1.81 -21.25
N PRO B 186 20.88 3.10 -21.27
CA PRO B 186 21.81 4.10 -21.80
C PRO B 186 23.08 4.27 -20.99
N LEU B 187 22.99 4.12 -19.67
CA LEU B 187 24.14 4.24 -18.81
C LEU B 187 25.17 3.19 -19.15
N ARG B 188 24.73 1.93 -19.29
CA ARG B 188 25.68 0.86 -19.53
C ARG B 188 26.20 0.91 -20.98
N ARG B 189 25.38 1.40 -21.91
CA ARG B 189 25.81 1.62 -23.28
C ARG B 189 26.90 2.67 -23.30
N ASP B 190 26.67 3.76 -22.62
CA ASP B 190 27.58 4.93 -22.62
C ASP B 190 28.88 4.71 -21.85
N PHE B 191 28.84 3.84 -20.84
CA PHE B 191 29.98 3.55 -19.99
C PHE B 191 30.13 2.03 -19.89
N PRO B 192 30.54 1.41 -20.98
CA PRO B 192 30.51 -0.03 -21.04
C PRO B 192 31.57 -0.73 -20.20
N GLY B 193 32.54 0.00 -19.65
CA GLY B 193 33.49 -0.55 -18.68
C GLY B 193 33.19 -0.31 -17.21
N LEU B 194 32.08 0.41 -16.93
CA LEU B 194 31.68 0.79 -15.58
C LEU B 194 31.10 -0.43 -14.89
N LYS B 195 31.59 -0.75 -13.69
CA LYS B 195 30.95 -1.75 -12.82
C LYS B 195 29.69 -1.16 -12.20
N VAL B 196 28.57 -1.88 -12.30
CA VAL B 196 27.27 -1.40 -11.79
C VAL B 196 26.63 -2.45 -10.93
N VAL B 197 26.09 -2.07 -9.79
CA VAL B 197 25.25 -2.95 -8.99
C VAL B 197 23.83 -2.42 -9.08
N PHE B 198 22.90 -3.26 -9.57
CA PHE B 198 21.49 -2.95 -9.54
C PHE B 198 21.02 -3.31 -8.14
N GLU B 199 20.86 -2.32 -7.25
CA GLU B 199 20.56 -2.62 -5.86
C GLU B 199 19.14 -3.11 -5.71
N HIS B 200 18.93 -3.99 -4.72
CA HIS B 200 17.59 -4.43 -4.27
C HIS B 200 16.58 -4.55 -5.43
N ILE B 201 16.88 -5.47 -6.32
CA ILE B 201 15.96 -5.72 -7.42
C ILE B 201 14.72 -6.37 -6.84
N THR B 202 13.59 -6.07 -7.49
CA THR B 202 12.26 -6.48 -7.00
C THR B 202 11.34 -7.07 -8.03
N THR B 203 11.80 -7.14 -9.27
CA THR B 203 10.94 -7.54 -10.41
C THR B 203 11.59 -8.64 -11.21
N LYS B 204 10.75 -9.45 -11.83
CA LYS B 204 11.21 -10.31 -12.92
C LYS B 204 11.94 -9.54 -14.01
N ASP B 205 11.47 -8.32 -14.30
CA ASP B 205 12.10 -7.47 -15.26
C ASP B 205 13.58 -7.26 -15.00
N ALA B 206 13.88 -6.89 -13.77
CA ALA B 206 15.24 -6.62 -13.36
C ALA B 206 16.02 -7.93 -13.25
N ALA B 207 15.42 -8.96 -12.68
CA ALA B 207 16.13 -10.25 -12.56
C ALA B 207 16.60 -10.72 -13.95
N ASP B 208 15.69 -10.70 -14.91
CA ASP B 208 16.06 -11.13 -16.28
C ASP B 208 17.07 -10.21 -16.94
N TYR B 209 16.95 -8.88 -16.70
CA TYR B 209 17.84 -7.94 -17.25
C TYR B 209 19.28 -8.29 -16.79
N VAL B 210 19.42 -8.56 -15.50
CA VAL B 210 20.71 -8.87 -14.95
C VAL B 210 21.23 -10.22 -15.47
N ARG B 211 20.37 -11.20 -15.51
CA ARG B 211 20.82 -12.53 -15.98
C ARG B 211 21.30 -12.46 -17.42
N ASP B 212 20.65 -11.66 -18.25
CA ASP B 212 20.87 -11.75 -19.71
C ASP B 212 21.79 -10.75 -20.29
N ALA B 213 22.28 -9.84 -19.43
CA ALA B 213 23.09 -8.80 -19.91
C ALA B 213 24.34 -9.42 -20.48
N ASP B 214 24.74 -8.89 -21.62
CA ASP B 214 26.01 -9.20 -22.21
C ASP B 214 26.99 -8.29 -21.50
N ALA B 215 27.70 -8.84 -20.53
CA ALA B 215 28.62 -8.07 -19.69
C ALA B 215 29.80 -8.95 -19.36
N ALA B 216 31.01 -8.41 -19.50
CA ALA B 216 32.22 -9.09 -19.08
C ALA B 216 32.17 -9.37 -17.57
N PRO B 217 32.90 -10.39 -17.08
CA PRO B 217 32.84 -10.80 -15.70
C PRO B 217 33.15 -9.64 -14.75
N GLY B 218 32.34 -9.51 -13.72
CA GLY B 218 32.50 -8.45 -12.74
C GLY B 218 31.94 -7.09 -13.09
N LEU B 219 31.29 -6.93 -14.24
CA LEU B 219 30.77 -5.61 -14.62
C LEU B 219 29.34 -5.38 -14.18
N LEU B 220 28.56 -6.45 -13.91
CA LEU B 220 27.19 -6.23 -13.51
C LEU B 220 26.83 -7.17 -12.38
N GLY B 221 26.31 -6.60 -11.29
CA GLY B 221 25.81 -7.35 -10.17
C GLY B 221 24.46 -6.81 -9.73
N ALA B 222 23.82 -7.53 -8.82
CA ALA B 222 22.55 -7.09 -8.23
C ALA B 222 22.41 -7.62 -6.81
N THR B 223 21.81 -6.84 -5.91
CA THR B 223 21.53 -7.30 -4.57
C THR B 223 20.06 -7.59 -4.40
N ILE B 224 19.78 -8.56 -3.55
CA ILE B 224 18.40 -8.94 -3.21
C ILE B 224 18.18 -9.00 -1.71
N THR B 225 17.14 -8.33 -1.27
CA THR B 225 16.75 -8.29 0.15
C THR B 225 16.02 -9.54 0.67
N ALA B 226 15.96 -9.71 2.00
CA ALA B 226 15.28 -10.86 2.55
C ALA B 226 13.75 -10.66 2.43
N HIS B 227 13.31 -9.44 2.63
CA HIS B 227 11.84 -9.18 2.64
C HIS B 227 11.21 -9.29 1.25
N HIS B 228 11.97 -8.91 0.21
CA HIS B 228 11.51 -9.14 -1.16
C HIS B 228 11.49 -10.61 -1.59
N LEU B 229 12.22 -11.50 -0.90
CA LEU B 229 12.14 -12.93 -1.10
C LEU B 229 10.93 -13.52 -0.38
N LEU B 230 10.64 -13.02 0.82
CA LEU B 230 9.60 -13.63 1.66
C LEU B 230 8.16 -13.16 1.37
N TYR B 231 8.01 -11.94 0.92
CA TYR B 231 6.71 -11.29 0.88
C TYR B 231 6.39 -10.81 -0.52
N ASN B 232 5.09 -10.83 -0.83
CA ASN B 232 4.60 -10.04 -1.94
C ASN B 232 3.77 -8.88 -1.42
N ARG B 233 3.32 -8.00 -2.30
CA ARG B 233 2.66 -6.77 -1.87
C ARG B 233 1.39 -6.96 -1.06
N ASN B 234 0.80 -8.15 -1.09
CA ASN B 234 -0.34 -8.39 -0.22
C ASN B 234 0.00 -8.14 1.26
N ALA B 235 1.27 -8.31 1.61
CA ALA B 235 1.67 -8.16 2.99
C ALA B 235 1.46 -6.75 3.50
N LEU B 236 1.43 -5.78 2.58
CA LEU B 236 1.21 -4.36 2.93
C LEU B 236 -0.21 -4.12 3.43
N PHE B 237 -1.07 -5.06 3.11
CA PHE B 237 -2.52 -4.99 3.37
C PHE B 237 -3.09 -6.20 4.13
N VAL B 238 -2.27 -6.99 4.82
CA VAL B 238 -2.82 -8.13 5.62
C VAL B 238 -3.52 -7.62 6.86
N GLY B 239 -4.86 -7.64 6.84
CA GLY B 239 -5.61 -7.29 8.03
C GLY B 239 -5.61 -5.80 8.33
N GLY B 240 -5.15 -4.98 7.39
CA GLY B 240 -4.93 -3.54 7.60
C GLY B 240 -3.67 -3.10 6.88
N ILE B 241 -3.41 -1.79 6.82
CA ILE B 241 -2.23 -1.29 6.15
C ILE B 241 -1.02 -1.38 7.15
N ARG B 242 0.11 -1.87 6.66
CA ARG B 242 1.23 -2.30 7.53
C ARG B 242 2.50 -1.52 7.25
N PRO B 243 2.71 -0.33 7.91
CA PRO B 243 3.83 0.52 7.49
C PRO B 243 5.20 -0.14 7.72
N HIS B 244 5.28 -1.08 8.62
CA HIS B 244 6.59 -1.73 8.89
C HIS B 244 7.04 -2.63 7.75
N TYR B 245 6.09 -2.95 6.82
CA TYR B 245 6.39 -3.71 5.62
C TYR B 245 6.59 -2.80 4.39
N TYR B 246 6.51 -1.47 4.60
CA TYR B 246 6.69 -0.50 3.55
C TYR B 246 8.13 -0.04 3.41
N CYS B 247 8.62 -0.20 2.19
CA CYS B 247 9.99 0.19 1.80
C CYS B 247 10.01 0.58 0.35
N LEU B 248 11.10 1.20 -0.10
CA LEU B 248 11.39 1.40 -1.51
C LEU B 248 12.57 0.49 -1.93
N PRO B 249 12.48 -0.18 -3.10
CA PRO B 249 11.32 -0.29 -3.97
C PRO B 249 10.25 -1.08 -3.27
N VAL B 250 8.99 -0.78 -3.56
CA VAL B 250 7.88 -1.41 -2.84
C VAL B 250 7.83 -2.93 -3.16
N LEU B 251 7.30 -3.70 -2.25
CA LEU B 251 6.95 -5.11 -2.51
C LEU B 251 6.07 -5.18 -3.76
N LYS B 252 6.28 -6.23 -4.56
CA LYS B 252 5.61 -6.42 -5.84
C LYS B 252 4.67 -7.60 -5.85
N ARG B 253 4.05 -7.83 -6.99
CA ARG B 253 3.24 -9.01 -7.20
C ARG B 253 4.03 -10.28 -6.94
N GLU B 254 3.27 -11.29 -6.57
CA GLU B 254 3.74 -12.66 -6.35
C GLU B 254 4.58 -13.18 -7.51
N THR B 255 4.20 -12.89 -8.76
CA THR B 255 4.98 -13.33 -9.92
C THR B 255 6.41 -12.82 -9.91
N HIS B 256 6.60 -11.60 -9.45
CA HIS B 256 7.93 -11.02 -9.31
C HIS B 256 8.69 -11.68 -8.15
N ARG B 257 8.00 -11.90 -7.05
CA ARG B 257 8.64 -12.54 -5.88
C ARG B 257 9.20 -13.90 -6.28
N VAL B 258 8.41 -14.66 -7.03
CA VAL B 258 8.84 -15.94 -7.50
C VAL B 258 10.09 -15.82 -8.35
N ALA B 259 10.17 -14.83 -9.23
CA ALA B 259 11.36 -14.64 -10.05
C ALA B 259 12.57 -14.31 -9.23
N LEU B 260 12.37 -13.51 -8.17
CA LEU B 260 13.47 -13.13 -7.29
C LEU B 260 14.00 -14.33 -6.53
N VAL B 261 13.09 -15.16 -6.03
CA VAL B 261 13.53 -16.38 -5.39
C VAL B 261 14.31 -17.26 -6.34
N GLU B 262 13.84 -17.42 -7.56
N GLU B 262 13.83 -17.42 -7.56
CA GLU B 262 14.61 -18.20 -8.55
CA GLU B 262 14.59 -18.20 -8.56
C GLU B 262 16.01 -17.64 -8.80
C GLU B 262 16.01 -17.63 -8.76
N ALA B 263 16.13 -16.31 -8.89
CA ALA B 263 17.44 -15.67 -9.07
C ALA B 263 18.35 -15.83 -7.85
N ALA B 264 17.82 -15.64 -6.66
CA ALA B 264 18.63 -15.70 -5.46
C ALA B 264 19.16 -17.10 -5.18
N THR B 265 18.42 -18.11 -5.63
CA THR B 265 18.74 -19.52 -5.39
C THR B 265 19.37 -20.18 -6.60
N SER B 266 19.75 -19.40 -7.59
CA SER B 266 20.19 -19.91 -8.92
C SER B 266 21.61 -20.35 -8.97
N GLY B 267 22.44 -19.87 -8.07
CA GLY B 267 23.89 -19.98 -8.32
C GLY B 267 24.52 -19.00 -9.29
N ASN B 268 23.74 -18.11 -9.88
CA ASN B 268 24.26 -17.14 -10.85
C ASN B 268 25.13 -16.14 -10.11
N PRO B 269 26.43 -15.98 -10.48
CA PRO B 269 27.32 -15.11 -9.69
C PRO B 269 27.02 -13.63 -9.73
N ARG B 270 26.05 -13.21 -10.55
CA ARG B 270 25.63 -11.82 -10.56
C ARG B 270 24.68 -11.40 -9.42
N PHE B 271 24.10 -12.33 -8.68
CA PHE B 271 23.21 -12.00 -7.55
C PHE B 271 23.82 -12.28 -6.19
N PHE B 272 23.68 -11.32 -5.31
CA PHE B 272 24.22 -11.47 -3.97
C PHE B 272 23.43 -10.70 -2.92
N LEU B 273 23.73 -11.00 -1.68
CA LEU B 273 22.95 -10.58 -0.52
C LEU B 273 23.15 -9.08 -0.25
N GLY B 274 22.05 -8.36 -0.08
CA GLY B 274 22.04 -7.00 0.44
C GLY B 274 20.70 -6.82 1.14
N THR B 275 20.72 -6.54 2.46
CA THR B 275 19.51 -6.48 3.23
C THR B 275 18.61 -5.29 2.94
N ASP B 276 19.23 -4.17 2.57
CA ASP B 276 18.64 -2.87 2.67
C ASP B 276 17.94 -2.67 4.01
N SER B 277 18.51 -3.20 5.09
CA SER B 277 17.98 -2.89 6.44
C SER B 277 18.03 -1.40 6.63
N ALA B 278 16.88 -0.83 7.00
CA ALA B 278 16.70 0.63 6.91
C ALA B 278 15.82 1.12 8.06
N PRO B 279 16.42 1.27 9.25
CA PRO B 279 15.60 1.51 10.43
C PRO B 279 15.09 2.92 10.59
N HIS B 280 13.86 2.97 11.10
CA HIS B 280 13.25 4.20 11.55
C HIS B 280 12.61 4.00 12.92
N ALA B 281 12.55 5.09 13.66
CA ALA B 281 11.78 5.10 14.91
C ALA B 281 10.36 4.63 14.64
N ARG B 282 9.81 3.84 15.56
CA ARG B 282 8.41 3.46 15.46
C ARG B 282 7.47 4.62 15.14
N ASP B 283 7.67 5.76 15.82
CA ASP B 283 6.83 6.91 15.64
C ASP B 283 6.97 7.61 14.29
N ALA B 284 8.08 7.41 13.59
CA ALA B 284 8.20 7.88 12.21
C ALA B 284 7.55 6.93 11.19
N LYS B 285 7.34 5.67 11.57
CA LYS B 285 6.75 4.72 10.67
C LYS B 285 5.22 4.82 10.69
N GLU B 286 4.68 5.15 11.86
CA GLU B 286 3.25 5.02 12.15
C GLU B 286 2.62 6.39 12.26
N THR B 287 2.77 7.20 11.21
CA THR B 287 2.20 8.55 11.13
C THR B 287 1.29 8.58 9.91
N ALA B 288 0.75 9.77 9.62
CA ALA B 288 -0.01 9.98 8.37
C ALA B 288 0.83 9.86 7.13
N CYS B 289 2.15 10.01 7.25
CA CYS B 289 3.07 9.81 6.12
C CYS B 289 4.27 9.02 6.55
N GLY B 290 4.14 7.69 6.54
CA GLY B 290 5.12 6.84 7.21
C GLY B 290 6.38 6.70 6.38
N CYS B 291 7.53 6.72 7.05
CA CYS B 291 8.83 6.60 6.35
C CYS B 291 8.99 5.23 5.73
N ALA B 292 9.69 5.20 4.60
CA ALA B 292 10.02 3.94 3.91
C ALA B 292 11.24 3.29 4.51
N GLY B 293 11.13 2.00 4.79
CA GLY B 293 12.28 1.15 5.21
C GLY B 293 11.93 0.05 6.20
N CYS B 294 12.40 -1.17 5.91
CA CYS B 294 12.21 -2.31 6.75
C CYS B 294 13.46 -2.55 7.60
N TYR B 295 13.27 -2.74 8.89
CA TYR B 295 14.38 -3.14 9.74
C TYR B 295 14.56 -4.66 9.87
N THR B 296 15.64 -5.15 9.28
CA THR B 296 15.97 -6.57 9.28
C THR B 296 17.35 -6.96 9.79
N ALA B 297 18.16 -6.02 10.24
CA ALA B 297 19.53 -6.38 10.69
C ALA B 297 19.59 -7.32 11.90
N LEU B 298 18.55 -7.31 12.72
CA LEU B 298 18.49 -8.18 13.87
C LEU B 298 18.52 -9.63 13.46
N HIS B 299 17.81 -9.96 12.36
CA HIS B 299 17.45 -11.34 12.03
C HIS B 299 17.54 -11.65 10.51
N ALA B 300 18.35 -10.89 9.81
CA ALA B 300 18.41 -10.98 8.33
C ALA B 300 18.79 -12.37 7.87
N LEU B 301 19.84 -12.97 8.42
CA LEU B 301 20.24 -14.31 7.97
C LEU B 301 19.20 -15.38 8.19
N GLU B 302 18.48 -15.28 9.29
CA GLU B 302 17.39 -16.18 9.63
C GLU B 302 16.27 -16.03 8.63
N LEU B 303 16.04 -14.80 8.22
CA LEU B 303 15.03 -14.55 7.18
C LEU B 303 15.43 -15.14 5.82
N TYR B 304 16.68 -14.88 5.39
CA TYR B 304 17.17 -15.52 4.17
C TYR B 304 17.12 -17.06 4.30
N ALA B 305 17.50 -17.60 5.45
CA ALA B 305 17.44 -19.05 5.59
C ALA B 305 16.03 -19.59 5.40
N GLU B 306 15.04 -18.90 5.97
CA GLU B 306 13.63 -19.32 5.73
C GLU B 306 13.31 -19.33 4.24
N ALA B 307 13.68 -18.25 3.53
CA ALA B 307 13.46 -18.19 2.09
C ALA B 307 14.14 -19.33 1.33
N PHE B 308 15.42 -19.56 1.60
CA PHE B 308 16.17 -20.57 0.85
C PHE B 308 15.66 -21.99 1.20
N ASP B 309 15.27 -22.18 2.44
CA ASP B 309 14.72 -23.45 2.94
C ASP B 309 13.39 -23.75 2.23
N THR B 310 12.50 -22.76 2.18
CA THR B 310 11.24 -22.94 1.47
C THR B 310 11.46 -23.34 0.01
N ALA B 311 12.46 -22.74 -0.62
CA ALA B 311 12.82 -23.04 -1.98
C ALA B 311 13.55 -24.37 -2.20
N GLY B 312 13.89 -25.07 -1.13
CA GLY B 312 14.68 -26.31 -1.19
C GLY B 312 16.13 -26.07 -1.66
N ALA B 313 16.68 -24.92 -1.28
CA ALA B 313 17.94 -24.47 -1.81
C ALA B 313 18.86 -23.95 -0.73
N LEU B 314 18.81 -24.56 0.45
CA LEU B 314 19.77 -24.18 1.51
C LEU B 314 21.21 -24.26 1.08
N ASP B 315 21.53 -25.20 0.18
CA ASP B 315 22.88 -25.36 -0.28
C ASP B 315 23.35 -24.25 -1.20
N LYS B 316 22.44 -23.34 -1.57
CA LYS B 316 22.78 -22.17 -2.40
C LYS B 316 23.04 -20.91 -1.57
N LEU B 317 22.75 -20.94 -0.28
CA LEU B 317 22.84 -19.75 0.51
C LEU B 317 24.26 -19.25 0.56
N GLU B 318 25.23 -20.15 0.76
CA GLU B 318 26.62 -19.68 0.88
C GLU B 318 27.08 -18.85 -0.30
N GLY B 319 26.83 -19.29 -1.55
CA GLY B 319 27.25 -18.57 -2.70
C GLY B 319 26.73 -17.13 -2.72
N PHE B 320 25.42 -17.03 -2.56
CA PHE B 320 24.71 -15.77 -2.53
C PHE B 320 25.13 -14.85 -1.36
N ALA B 321 25.29 -15.44 -0.15
CA ALA B 321 25.51 -14.69 1.08
C ALA B 321 27.01 -14.36 1.37
N SER B 322 27.89 -15.25 0.92
CA SER B 322 29.29 -15.28 1.31
C SER B 322 30.35 -15.14 0.24
N PHE B 323 30.00 -15.46 -1.02
CA PHE B 323 30.97 -15.54 -2.06
C PHE B 323 30.80 -14.47 -3.14
N PHE B 324 29.61 -14.41 -3.76
CA PHE B 324 29.50 -13.64 -5.01
C PHE B 324 29.67 -12.09 -4.85
N GLY B 325 29.23 -11.51 -3.73
CA GLY B 325 29.39 -10.10 -3.47
C GLY B 325 30.87 -9.79 -3.22
N ALA B 326 31.53 -10.63 -2.44
CA ALA B 326 32.98 -10.41 -2.19
C ALA B 326 33.75 -10.47 -3.48
N ASP B 327 33.41 -11.46 -4.31
CA ASP B 327 34.02 -11.54 -5.64
C ASP B 327 33.83 -10.25 -6.46
N PHE B 328 32.60 -9.75 -6.50
CA PHE B 328 32.28 -8.59 -7.29
C PHE B 328 33.11 -7.37 -6.82
N TYR B 329 33.26 -7.28 -5.52
CA TYR B 329 33.98 -6.17 -4.90
C TYR B 329 35.52 -6.42 -4.74
N GLY B 330 35.99 -7.55 -5.25
CA GLY B 330 37.44 -7.91 -5.20
C GLY B 330 37.97 -8.06 -3.81
N LEU B 331 37.11 -8.58 -2.92
CA LEU B 331 37.45 -8.83 -1.53
C LEU B 331 37.51 -10.33 -1.25
N PRO B 332 38.35 -10.80 -0.29
CA PRO B 332 38.48 -12.24 -0.16
C PRO B 332 37.26 -12.91 0.49
N ARG B 333 37.01 -14.15 0.12
CA ARG B 333 36.02 -14.96 0.80
C ARG B 333 36.49 -15.34 2.20
N SER B 334 35.57 -15.33 3.16
CA SER B 334 35.94 -15.57 4.57
C SER B 334 36.45 -16.96 4.86
N ALA B 335 37.41 -16.99 5.79
CA ALA B 335 37.92 -18.22 6.39
C ALA B 335 37.13 -18.61 7.67
N GLU B 336 36.35 -17.68 8.22
CA GLU B 336 35.49 -17.98 9.36
C GLU B 336 34.20 -18.72 8.88
N THR B 337 33.58 -19.49 9.79
CA THR B 337 32.35 -20.23 9.46
C THR B 337 31.27 -19.85 10.46
N VAL B 338 30.01 -19.82 10.01
CA VAL B 338 28.91 -19.57 10.92
C VAL B 338 27.87 -20.66 10.75
N THR B 339 27.01 -20.80 11.75
CA THR B 339 26.02 -21.87 11.74
C THR B 339 24.64 -21.37 12.07
N LEU B 340 23.69 -21.68 11.19
CA LEU B 340 22.28 -21.44 11.43
C LEU B 340 21.61 -22.76 11.87
N ARG B 341 20.78 -22.66 12.89
CA ARG B 341 20.03 -23.82 13.40
C ARG B 341 18.51 -23.61 13.26
N ARG B 342 17.85 -24.70 12.82
CA ARG B 342 16.38 -24.77 12.70
C ARG B 342 15.79 -24.85 14.10
N GLU B 343 15.57 -23.71 14.73
CA GLU B 343 15.26 -23.66 16.16
C GLU B 343 14.46 -22.38 16.45
N PRO B 344 13.14 -22.51 16.65
CA PRO B 344 12.31 -21.31 16.71
C PRO B 344 12.63 -20.33 17.81
N TRP B 345 12.38 -19.04 17.55
CA TRP B 345 12.44 -18.04 18.60
C TRP B 345 11.60 -16.82 18.32
N GLU B 346 11.16 -16.22 19.42
CA GLU B 346 10.21 -15.14 19.40
C GLU B 346 10.99 -13.85 19.26
N LEU B 347 10.78 -13.14 18.16
CA LEU B 347 11.41 -11.87 17.94
C LEU B 347 10.86 -10.82 18.91
N PRO B 348 11.74 -9.97 19.46
CA PRO B 348 11.20 -8.85 20.24
C PRO B 348 10.34 -7.95 19.36
N ARG B 349 9.30 -7.36 19.95
CA ARG B 349 8.45 -6.42 19.21
C ARG B 349 9.18 -5.11 18.94
N GLU B 350 10.03 -4.70 19.88
CA GLU B 350 10.82 -3.49 19.77
C GLU B 350 12.26 -3.68 20.23
N ILE B 351 13.17 -3.00 19.53
CA ILE B 351 14.53 -2.81 20.02
C ILE B 351 14.71 -1.31 20.18
N PHE B 352 15.67 -0.91 21.03
CA PHE B 352 15.73 0.49 21.44
C PHE B 352 17.02 1.18 21.05
N ALA B 353 16.88 2.35 20.46
CA ALA B 353 17.99 3.27 20.22
C ALA B 353 17.82 4.34 21.31
N GLY B 354 18.64 4.29 22.35
CA GLY B 354 18.33 5.04 23.60
C GLY B 354 16.96 4.68 24.13
N GLU B 355 16.05 5.65 24.19
CA GLU B 355 14.68 5.44 24.66
C GLU B 355 13.71 5.24 23.50
N THR B 356 14.21 5.32 22.27
CA THR B 356 13.37 5.27 21.06
C THR B 356 13.16 3.85 20.51
N PRO B 357 11.91 3.38 20.46
CA PRO B 357 11.67 2.03 19.98
C PRO B 357 11.76 1.93 18.46
N VAL B 358 12.25 0.81 17.99
CA VAL B 358 12.32 0.48 16.56
C VAL B 358 11.73 -0.89 16.44
N VAL B 359 10.81 -1.06 15.51
CA VAL B 359 10.13 -2.31 15.33
C VAL B 359 10.88 -3.13 14.26
N PRO B 360 11.41 -4.30 14.65
CA PRO B 360 11.91 -5.21 13.62
C PRO B 360 10.79 -5.71 12.72
N LEU B 361 11.12 -5.98 11.47
CA LEU B 361 10.15 -6.63 10.58
C LEU B 361 9.75 -7.98 11.20
N ARG B 362 8.45 -8.18 11.36
CA ARG B 362 7.92 -9.36 12.02
C ARG B 362 8.07 -9.39 13.56
N GLY B 363 8.36 -8.25 14.15
CA GLY B 363 8.58 -8.10 15.60
C GLY B 363 7.41 -8.75 16.32
N GLY B 364 7.70 -9.53 17.35
CA GLY B 364 6.67 -10.26 18.05
C GLY B 364 6.29 -11.63 17.49
N GLU B 365 6.72 -11.95 16.28
CA GLU B 365 6.43 -13.25 15.69
C GLU B 365 7.49 -14.23 16.07
N THR B 366 7.14 -15.50 16.07
CA THR B 366 8.10 -16.57 16.37
C THR B 366 8.58 -17.05 15.02
N ILE B 367 9.89 -16.94 14.75
CA ILE B 367 10.43 -17.44 13.48
C ILE B 367 11.22 -18.72 13.72
N GLY B 368 11.63 -19.40 12.64
CA GLY B 368 12.08 -20.79 12.77
C GLY B 368 13.57 -21.08 12.63
N TRP B 369 14.40 -20.03 12.49
CA TRP B 369 15.88 -20.18 12.38
C TRP B 369 16.54 -19.26 13.36
N LYS B 370 17.74 -19.61 13.78
CA LYS B 370 18.53 -18.76 14.69
C LYS B 370 19.99 -18.96 14.43
N LEU B 371 20.69 -17.84 14.33
CA LEU B 371 22.12 -17.86 14.12
C LEU B 371 22.75 -18.21 15.46
N ALA B 372 23.54 -19.27 15.42
CA ALA B 372 24.23 -19.78 16.63
C ALA B 372 25.30 -18.82 17.09
ZN ZN C . -18.55 0.09 3.03
ZN ZN D . -17.31 -2.48 1.19
C1 EDO E . -36.08 -1.58 -4.33
O1 EDO E . -36.45 -1.21 -5.69
C2 EDO E . -37.04 -2.58 -3.71
O2 EDO E . -37.48 -3.58 -4.65
CA CA F . 1.41 -4.53 -10.87
CA CA G . -1.57 2.46 -14.72
ZN ZN H . 19.03 1.36 0.59
ZN ZN I . 17.56 2.02 -2.41
C1 EDO J . 35.69 -3.71 -7.18
O1 EDO J . 35.81 -4.96 -7.88
C2 EDO J . 36.87 -2.78 -7.51
O2 EDO J . 37.01 -2.69 -8.94
CA CA K . -2.38 -4.10 -10.82
CA CA L . 0.58 -12.00 -9.17
#